data_4WE7
#
_entry.id   4WE7
#
_cell.length_a   48.298
_cell.length_b   214.898
_cell.length_c   101.807
_cell.angle_alpha   90.00
_cell.angle_beta   103.58
_cell.angle_gamma   90.00
#
_symmetry.space_group_name_H-M   'P 1 21 1'
#
loop_
_entity.id
_entity.type
_entity.pdbx_description
1 polymer 'Hemagglutinin HA1 chain'
2 non-polymer 2-acetamido-2-deoxy-beta-D-glucopyranose
3 water water
#
_entity_poly.entity_id   1
_entity_poly.type   'polypeptide(L)'
_entity_poly.pdbx_seq_one_letter_code
;ADLGSELVQSSSTGEICNSPHQILDGENCTLIDALLGDPQCDGFQNKKWDLFVERSKAHSNCYPYDVPDYASLRSLVASS
GTLEFNNESFNWTGVTQNGTSSACIRRSNNSFFSRLNWLTHLNFKYPALNVTMPNNEQFDKLYIWGVHHPGTDKDQIFLY
AQAAGRITVSTKRSQQAVIPNVGSRPRVRNIPSRVSIYWTIVKPGDILLINSTGNLIAPRGYFKIRSGKSSIMRSDAPIG
KCNSACITPNGSIPNDKPFQNVNRITYGACPRYSKQNSGRLVPR
;
_entity_poly.pdbx_strand_id   A,B,C,D
#
loop_
_chem_comp.id
_chem_comp.type
_chem_comp.name
_chem_comp.formula
NAG D-saccharide, beta linking 2-acetamido-2-deoxy-beta-D-glucopyranose 'C8 H15 N O6'
#
# COMPACT_ATOMS: atom_id res chain seq x y z
N GLY A 4 0.13 -52.30 -62.61
CA GLY A 4 -0.72 -51.48 -63.46
C GLY A 4 -1.17 -50.20 -62.76
N SER A 5 -1.60 -49.23 -63.56
CA SER A 5 -2.04 -47.94 -63.05
C SER A 5 -3.58 -47.83 -63.05
N GLU A 6 -4.25 -48.83 -63.63
CA GLU A 6 -5.71 -48.90 -63.64
C GLU A 6 -6.23 -49.46 -62.31
N LEU A 7 -5.30 -49.89 -61.46
CA LEU A 7 -5.58 -50.37 -60.11
C LEU A 7 -5.31 -49.30 -59.06
N VAL A 8 -4.57 -48.25 -59.45
CA VAL A 8 -4.19 -47.20 -58.49
C VAL A 8 -4.71 -45.82 -58.92
N GLN A 9 -5.20 -45.06 -57.95
CA GLN A 9 -5.72 -43.69 -58.15
C GLN A 9 -4.70 -42.67 -57.70
N SER A 10 -4.43 -41.70 -58.56
CA SER A 10 -3.38 -40.75 -58.24
C SER A 10 -3.89 -39.30 -58.27
N SER A 11 -5.04 -39.08 -58.91
CA SER A 11 -5.58 -37.73 -59.07
C SER A 11 -6.78 -37.49 -58.16
N SER A 12 -7.16 -36.21 -58.04
CA SER A 12 -8.37 -35.78 -57.37
C SER A 12 -8.75 -34.40 -57.90
N THR A 13 -10.03 -34.04 -57.77
CA THR A 13 -10.49 -32.72 -58.16
C THR A 13 -9.79 -31.66 -57.30
N GLY A 14 -9.45 -32.06 -56.07
CA GLY A 14 -8.81 -31.18 -55.11
C GLY A 14 -9.84 -30.69 -54.12
N GLU A 15 -11.09 -30.98 -54.44
CA GLU A 15 -12.23 -30.59 -53.62
C GLU A 15 -12.68 -31.76 -52.75
N ILE A 16 -13.28 -31.44 -51.61
CA ILE A 16 -13.92 -32.45 -50.78
C ILE A 16 -15.40 -32.38 -51.06
N CYS A 17 -16.04 -33.53 -51.29
CA CYS A 17 -17.48 -33.52 -51.58
C CYS A 17 -18.34 -33.62 -50.31
N ASN A 18 -19.31 -32.74 -50.24
CA ASN A 18 -20.17 -32.60 -49.08
C ASN A 18 -21.20 -33.72 -48.89
N SER A 19 -21.21 -34.68 -49.80
CA SER A 19 -22.14 -35.80 -49.69
C SER A 19 -21.34 -37.09 -49.91
N PRO A 20 -21.78 -38.22 -49.30
CA PRO A 20 -22.94 -38.31 -48.41
C PRO A 20 -22.54 -38.23 -46.94
N HIS A 21 -21.31 -37.83 -46.65
CA HIS A 21 -20.85 -37.71 -45.25
C HIS A 21 -20.99 -36.31 -44.69
N GLN A 22 -21.49 -36.20 -43.47
CA GLN A 22 -21.68 -34.91 -42.82
C GLN A 22 -20.32 -34.30 -42.48
N ILE A 23 -19.98 -33.22 -43.16
CA ILE A 23 -18.67 -32.61 -42.99
C ILE A 23 -18.82 -31.26 -42.30
N LEU A 24 -17.94 -30.97 -41.35
CA LEU A 24 -18.01 -29.72 -40.61
C LEU A 24 -16.70 -28.97 -40.78
N ASP A 25 -16.78 -27.81 -41.44
CA ASP A 25 -15.61 -26.99 -41.71
C ASP A 25 -15.33 -26.08 -40.52
N GLY A 26 -14.18 -26.28 -39.87
CA GLY A 26 -13.85 -25.53 -38.67
C GLY A 26 -13.55 -24.06 -38.89
N GLU A 27 -13.20 -23.72 -40.12
CA GLU A 27 -12.73 -22.36 -40.44
C GLU A 27 -11.64 -21.88 -39.45
N ASN A 28 -11.89 -20.83 -38.67
CA ASN A 28 -10.86 -20.33 -37.74
C ASN A 28 -10.68 -21.20 -36.49
N CYS A 29 -11.62 -22.12 -36.26
CA CYS A 29 -11.64 -22.91 -35.02
C CYS A 29 -11.12 -24.35 -35.09
N THR A 30 -10.35 -24.72 -34.08
CA THR A 30 -9.99 -26.11 -33.83
C THR A 30 -11.14 -26.83 -33.14
N LEU A 31 -11.09 -28.16 -33.09
CA LEU A 31 -12.17 -28.89 -32.43
C LEU A 31 -12.18 -28.58 -30.94
N ILE A 32 -10.99 -28.47 -30.37
CA ILE A 32 -10.84 -28.23 -28.95
C ILE A 32 -11.45 -26.88 -28.54
N ASP A 33 -11.25 -25.87 -29.37
CA ASP A 33 -11.85 -24.55 -29.12
C ASP A 33 -13.38 -24.57 -29.20
N ALA A 34 -13.92 -25.32 -30.16
CA ALA A 34 -15.37 -25.43 -30.28
C ALA A 34 -15.95 -26.20 -29.08
N LEU A 35 -15.11 -27.00 -28.45
CA LEU A 35 -15.52 -27.79 -27.30
C LEU A 35 -15.59 -26.87 -26.07
N LEU A 36 -14.47 -26.21 -25.78
CA LEU A 36 -14.37 -25.34 -24.60
C LEU A 36 -15.35 -24.17 -24.71
N GLY A 37 -15.50 -23.65 -25.92
CA GLY A 37 -16.44 -22.56 -26.16
C GLY A 37 -15.74 -21.25 -26.40
N ASP A 38 -14.72 -21.28 -27.25
CA ASP A 38 -14.04 -20.06 -27.69
C ASP A 38 -15.08 -19.26 -28.47
N PRO A 39 -15.07 -17.93 -28.28
CA PRO A 39 -16.10 -17.06 -28.83
C PRO A 39 -16.26 -17.03 -30.37
N GLN A 40 -15.26 -17.44 -31.14
CA GLN A 40 -15.44 -17.54 -32.60
C GLN A 40 -16.27 -18.77 -32.93
N CYS A 41 -16.41 -19.65 -31.95
CA CYS A 41 -16.83 -21.02 -32.21
C CYS A 41 -18.22 -21.31 -31.64
N ASP A 42 -18.98 -20.24 -31.42
CA ASP A 42 -20.29 -20.34 -30.80
C ASP A 42 -21.32 -21.02 -31.69
N GLY A 43 -21.14 -20.91 -33.00
CA GLY A 43 -22.02 -21.58 -33.94
C GLY A 43 -21.86 -23.10 -33.96
N PHE A 44 -20.80 -23.60 -33.34
CA PHE A 44 -20.55 -25.02 -33.40
C PHE A 44 -21.24 -25.73 -32.25
N GLN A 45 -21.94 -24.98 -31.41
CA GLN A 45 -22.55 -25.56 -30.21
C GLN A 45 -23.55 -26.65 -30.60
N ASN A 46 -23.40 -27.80 -29.94
CA ASN A 46 -24.29 -28.94 -30.12
C ASN A 46 -24.36 -29.49 -31.55
N LYS A 47 -23.34 -29.20 -32.36
CA LYS A 47 -23.30 -29.78 -33.70
C LYS A 47 -22.86 -31.25 -33.70
N LYS A 48 -23.24 -31.98 -34.75
CA LYS A 48 -22.83 -33.37 -34.94
C LYS A 48 -22.20 -33.46 -36.30
N TRP A 49 -21.41 -34.52 -36.52
CA TRP A 49 -20.71 -34.67 -37.78
C TRP A 49 -20.11 -36.08 -37.91
N ASP A 50 -19.94 -36.51 -39.16
CA ASP A 50 -19.17 -37.71 -39.46
C ASP A 50 -17.67 -37.36 -39.61
N LEU A 51 -17.39 -36.23 -40.26
CA LEU A 51 -16.00 -35.79 -40.40
C LEU A 51 -15.82 -34.29 -40.13
N PHE A 52 -14.87 -33.97 -39.24
CA PHE A 52 -14.53 -32.61 -38.89
C PHE A 52 -13.21 -32.21 -39.56
N VAL A 53 -13.18 -31.06 -40.24
CA VAL A 53 -11.99 -30.65 -40.99
C VAL A 53 -11.25 -29.46 -40.35
N GLU A 54 -10.07 -29.67 -39.78
CA GLU A 54 -9.30 -28.56 -39.22
C GLU A 54 -8.51 -27.82 -40.30
N ARG A 55 -8.30 -26.52 -40.11
CA ARG A 55 -7.60 -25.69 -41.09
C ARG A 55 -6.29 -25.17 -40.51
N SER A 56 -5.32 -24.88 -41.38
CA SER A 56 -3.99 -24.47 -40.93
C SER A 56 -4.00 -23.07 -40.33
N LYS A 57 -4.97 -22.28 -40.77
CA LYS A 57 -5.13 -20.88 -40.33
C LYS A 57 -5.75 -20.77 -38.94
N ALA A 58 -6.19 -21.89 -38.38
CA ALA A 58 -6.90 -21.88 -37.10
C ALA A 58 -6.08 -21.22 -36.00
N HIS A 59 -6.71 -20.34 -35.25
CA HIS A 59 -6.05 -19.66 -34.15
C HIS A 59 -7.01 -19.57 -32.96
N SER A 60 -6.48 -19.67 -31.75
CA SER A 60 -7.31 -19.51 -30.57
C SER A 60 -7.29 -18.03 -30.18
N ASN A 61 -8.44 -17.49 -29.77
CA ASN A 61 -8.49 -16.08 -29.43
C ASN A 61 -9.22 -15.85 -28.10
N CYS A 62 -8.80 -16.59 -27.08
CA CYS A 62 -9.39 -16.52 -25.74
C CYS A 62 -8.29 -16.55 -24.68
N TYR A 63 -8.58 -17.12 -23.51
CA TYR A 63 -7.58 -17.23 -22.45
C TYR A 63 -6.46 -18.20 -22.88
N PRO A 64 -5.21 -17.83 -22.60
CA PRO A 64 -4.12 -18.73 -22.94
C PRO A 64 -4.27 -20.03 -22.17
N TYR A 65 -4.31 -21.15 -22.88
CA TYR A 65 -4.51 -22.45 -22.23
C TYR A 65 -3.62 -23.51 -22.88
N ASP A 66 -3.42 -24.62 -22.17
CA ASP A 66 -2.74 -25.79 -22.71
C ASP A 66 -3.51 -27.06 -22.31
N VAL A 67 -3.50 -28.08 -23.16
CA VAL A 67 -4.11 -29.37 -22.82
C VAL A 67 -3.02 -30.45 -22.83
N PRO A 68 -2.58 -30.89 -21.63
CA PRO A 68 -1.51 -31.87 -21.44
C PRO A 68 -1.67 -33.15 -22.25
N ASP A 69 -2.91 -33.60 -22.43
CA ASP A 69 -3.20 -34.79 -23.20
C ASP A 69 -4.04 -34.41 -24.43
N TYR A 70 -3.60 -33.36 -25.11
CA TYR A 70 -4.30 -32.81 -26.26
C TYR A 70 -4.81 -33.86 -27.23
N ALA A 71 -3.86 -34.57 -27.85
CA ALA A 71 -4.15 -35.53 -28.90
C ALA A 71 -5.24 -36.53 -28.50
N SER A 72 -5.09 -37.10 -27.31
CA SER A 72 -6.04 -38.09 -26.84
C SER A 72 -7.46 -37.50 -26.76
N LEU A 73 -7.61 -36.31 -26.16
CA LEU A 73 -8.90 -35.59 -26.09
C LEU A 73 -9.48 -35.23 -27.45
N ARG A 74 -8.65 -34.66 -28.32
CA ARG A 74 -9.07 -34.28 -29.67
C ARG A 74 -9.58 -35.51 -30.40
N SER A 75 -8.95 -36.66 -30.13
CA SER A 75 -9.29 -37.93 -30.78
C SER A 75 -10.56 -38.55 -30.19
N LEU A 76 -10.69 -38.52 -28.87
CA LEU A 76 -11.90 -38.99 -28.18
C LEU A 76 -13.15 -38.34 -28.76
N VAL A 77 -13.20 -37.00 -28.67
CA VAL A 77 -14.36 -36.21 -29.12
C VAL A 77 -14.57 -36.43 -30.64
N ALA A 78 -13.48 -36.64 -31.35
CA ALA A 78 -13.55 -36.91 -32.78
C ALA A 78 -14.43 -38.12 -33.11
N SER A 79 -14.10 -39.26 -32.53
CA SER A 79 -14.81 -40.50 -32.74
C SER A 79 -16.26 -40.39 -32.32
N SER A 80 -16.50 -39.67 -31.24
CA SER A 80 -17.84 -39.52 -30.71
C SER A 80 -18.71 -38.75 -31.71
N GLY A 81 -18.21 -37.64 -32.24
CA GLY A 81 -18.91 -36.96 -33.31
C GLY A 81 -20.10 -36.11 -32.88
N THR A 82 -20.07 -35.58 -31.65
CA THR A 82 -21.15 -34.72 -31.19
C THR A 82 -20.65 -33.68 -30.20
N LEU A 83 -21.33 -32.54 -30.14
CA LEU A 83 -21.06 -31.53 -29.12
C LEU A 83 -22.29 -31.29 -28.24
N GLU A 84 -23.22 -32.24 -28.22
CA GLU A 84 -24.37 -32.12 -27.33
C GLU A 84 -23.86 -31.91 -25.92
N PHE A 85 -24.15 -30.72 -25.40
CA PHE A 85 -23.73 -30.34 -24.05
C PHE A 85 -24.98 -30.23 -23.20
N ASN A 86 -24.87 -30.55 -21.92
CA ASN A 86 -26.00 -30.39 -21.02
C ASN A 86 -25.65 -29.59 -19.79
N ASN A 87 -26.33 -28.46 -19.59
CA ASN A 87 -26.10 -27.62 -18.41
C ASN A 87 -26.57 -28.32 -17.16
N GLU A 88 -25.87 -28.10 -16.04
CA GLU A 88 -26.22 -28.75 -14.78
C GLU A 88 -26.12 -27.81 -13.60
N SER A 89 -26.92 -28.08 -12.57
CA SER A 89 -26.97 -27.20 -11.43
C SER A 89 -26.04 -27.70 -10.37
N PHE A 90 -24.79 -27.28 -10.45
CA PHE A 90 -23.84 -27.54 -9.38
C PHE A 90 -24.23 -26.64 -8.22
N ASN A 91 -23.82 -27.03 -7.02
CA ASN A 91 -24.04 -26.23 -5.82
C ASN A 91 -22.83 -25.31 -5.63
N TRP A 92 -22.82 -24.15 -6.30
CA TRP A 92 -21.69 -23.23 -6.15
C TRP A 92 -21.96 -22.19 -5.08
N THR A 93 -21.91 -22.60 -3.82
CA THR A 93 -22.10 -21.67 -2.71
C THR A 93 -20.78 -21.24 -2.09
N GLY A 94 -20.66 -19.95 -1.77
CA GLY A 94 -19.48 -19.49 -1.08
C GLY A 94 -18.49 -18.89 -2.06
N VAL A 95 -18.83 -18.93 -3.34
CA VAL A 95 -17.91 -18.44 -4.35
C VAL A 95 -18.62 -17.57 -5.40
N THR A 96 -17.86 -16.71 -6.07
CA THR A 96 -18.41 -15.87 -7.12
C THR A 96 -18.23 -16.55 -8.47
N GLN A 97 -19.27 -16.47 -9.29
CA GLN A 97 -19.25 -17.21 -10.53
C GLN A 97 -18.95 -16.33 -11.71
N ASN A 98 -18.74 -16.96 -12.85
CA ASN A 98 -18.66 -16.26 -14.12
C ASN A 98 -17.57 -15.25 -14.23
N GLY A 99 -16.37 -15.59 -13.77
CA GLY A 99 -15.22 -14.73 -13.98
C GLY A 99 -15.03 -14.51 -15.47
N THR A 100 -14.53 -13.35 -15.84
CA THR A 100 -14.27 -13.03 -17.26
C THR A 100 -12.88 -12.42 -17.43
N SER A 101 -12.48 -12.23 -18.68
CA SER A 101 -11.15 -11.71 -19.01
C SER A 101 -11.20 -10.86 -20.26
N SER A 102 -10.35 -9.84 -20.31
CA SER A 102 -10.21 -9.03 -21.52
C SER A 102 -9.55 -9.81 -22.66
N ALA A 103 -9.01 -10.99 -22.34
CA ALA A 103 -8.39 -11.86 -23.34
C ALA A 103 -9.41 -12.67 -24.15
N CYS A 104 -10.57 -12.94 -23.57
CA CYS A 104 -11.64 -13.66 -24.25
C CYS A 104 -12.80 -12.71 -24.53
N ILE A 105 -12.78 -12.09 -25.71
CA ILE A 105 -13.79 -11.10 -26.08
C ILE A 105 -15.00 -11.73 -26.76
N ARG A 106 -16.19 -11.29 -26.37
CA ARG A 106 -17.44 -11.76 -26.93
C ARG A 106 -18.42 -10.61 -26.99
N ARG A 107 -18.80 -10.22 -28.20
CA ARG A 107 -19.65 -9.04 -28.43
C ARG A 107 -18.98 -7.81 -27.86
N SER A 108 -17.66 -7.72 -28.02
CA SER A 108 -16.84 -6.61 -27.49
C SER A 108 -16.74 -6.55 -25.95
N ASN A 109 -17.41 -7.46 -25.25
CA ASN A 109 -17.35 -7.49 -23.78
C ASN A 109 -16.46 -8.62 -23.28
N ASN A 110 -15.64 -8.33 -22.27
CA ASN A 110 -14.89 -9.38 -21.57
C ASN A 110 -15.74 -10.61 -21.27
N SER A 111 -15.25 -11.79 -21.63
CA SER A 111 -15.99 -13.04 -21.44
C SER A 111 -15.04 -14.16 -21.06
N PHE A 112 -15.44 -15.38 -21.38
CA PHE A 112 -14.65 -16.56 -21.06
C PHE A 112 -15.15 -17.69 -21.93
N PHE A 113 -14.54 -18.86 -21.84
CA PHE A 113 -14.97 -20.04 -22.57
C PHE A 113 -16.42 -20.32 -22.21
N SER A 114 -17.27 -20.51 -23.21
CA SER A 114 -18.70 -20.63 -22.96
C SER A 114 -19.07 -21.79 -22.05
N ARG A 115 -18.24 -22.83 -22.02
CA ARG A 115 -18.62 -24.05 -21.33
C ARG A 115 -17.93 -24.22 -19.97
N LEU A 116 -17.14 -23.22 -19.57
CA LEU A 116 -16.39 -23.29 -18.32
C LEU A 116 -16.84 -22.18 -17.37
N ASN A 117 -16.55 -22.36 -16.09
CA ASN A 117 -17.05 -21.43 -15.09
C ASN A 117 -15.92 -21.07 -14.13
N TRP A 118 -15.48 -19.82 -14.25
CA TRP A 118 -14.34 -19.33 -13.51
C TRP A 118 -14.81 -18.80 -12.16
N LEU A 119 -14.50 -19.55 -11.11
CA LEU A 119 -14.90 -19.23 -9.74
C LEU A 119 -13.83 -18.42 -8.98
N THR A 120 -14.27 -17.34 -8.33
CA THR A 120 -13.38 -16.53 -7.49
C THR A 120 -13.95 -16.43 -6.08
N HIS A 121 -13.22 -15.77 -5.18
CA HIS A 121 -13.66 -15.66 -3.78
C HIS A 121 -14.97 -14.85 -3.67
N LEU A 122 -15.70 -15.05 -2.58
CA LEU A 122 -16.88 -14.24 -2.27
C LEU A 122 -16.66 -13.69 -0.87
N ASN A 123 -16.77 -12.37 -0.72
CA ASN A 123 -16.48 -11.73 0.56
C ASN A 123 -15.17 -12.18 1.23
N PHE A 124 -14.16 -12.43 0.39
CA PHE A 124 -12.81 -12.74 0.83
C PHE A 124 -12.72 -14.09 1.53
N LYS A 125 -13.57 -15.01 1.09
CA LYS A 125 -13.52 -16.40 1.54
C LYS A 125 -13.68 -17.27 0.31
N TYR A 126 -13.02 -18.42 0.33
CA TYR A 126 -13.17 -19.43 -0.70
C TYR A 126 -13.18 -20.73 0.08
N PRO A 127 -14.38 -21.24 0.35
CA PRO A 127 -14.51 -22.43 1.21
C PRO A 127 -13.91 -23.62 0.49
N ALA A 128 -13.60 -24.68 1.25
CA ALA A 128 -13.17 -25.93 0.63
C ALA A 128 -14.37 -26.57 -0.02
N LEU A 129 -14.37 -26.58 -1.35
CA LEU A 129 -15.49 -27.13 -2.08
C LEU A 129 -15.52 -28.66 -2.00
N ASN A 130 -16.71 -29.18 -1.70
CA ASN A 130 -16.96 -30.61 -1.65
C ASN A 130 -18.26 -30.81 -2.40
N VAL A 131 -18.21 -30.76 -3.72
CA VAL A 131 -19.43 -30.77 -4.50
C VAL A 131 -19.48 -32.07 -5.31
N THR A 132 -20.69 -32.60 -5.48
CA THR A 132 -20.85 -33.90 -6.13
C THR A 132 -21.88 -33.78 -7.23
N MET A 133 -21.73 -34.61 -8.25
CA MET A 133 -22.70 -34.63 -9.32
C MET A 133 -22.78 -36.07 -9.82
N PRO A 134 -23.90 -36.75 -9.50
CA PRO A 134 -24.06 -38.17 -9.79
C PRO A 134 -24.54 -38.41 -11.20
N ASN A 135 -24.04 -39.48 -11.83
CA ASN A 135 -24.58 -39.91 -13.09
C ASN A 135 -25.62 -40.98 -12.83
N ASN A 136 -26.89 -40.59 -12.94
CA ASN A 136 -27.99 -41.50 -12.71
C ASN A 136 -28.62 -41.80 -14.05
N GLU A 137 -28.02 -41.23 -15.09
CA GLU A 137 -28.44 -41.44 -16.47
C GLU A 137 -28.00 -42.79 -17.01
N GLN A 138 -28.42 -43.10 -18.22
CA GLN A 138 -28.04 -44.36 -18.83
C GLN A 138 -26.67 -44.24 -19.47
N PHE A 139 -26.32 -43.08 -19.99
CA PHE A 139 -25.07 -42.99 -20.72
C PHE A 139 -23.95 -42.40 -19.88
N ASP A 140 -22.76 -42.37 -20.46
CA ASP A 140 -21.60 -41.79 -19.81
C ASP A 140 -21.65 -40.28 -19.96
N LYS A 141 -21.06 -39.59 -18.99
CA LYS A 141 -20.98 -38.15 -19.04
C LYS A 141 -19.52 -37.77 -19.27
N LEU A 142 -19.29 -36.78 -20.13
CA LEU A 142 -17.94 -36.24 -20.32
C LEU A 142 -17.86 -34.83 -19.75
N TYR A 143 -17.06 -34.67 -18.70
CA TYR A 143 -16.87 -33.37 -18.02
C TYR A 143 -15.52 -32.76 -18.39
N ILE A 144 -15.55 -31.49 -18.80
CA ILE A 144 -14.32 -30.74 -19.08
C ILE A 144 -14.12 -29.69 -17.99
N TRP A 145 -12.91 -29.64 -17.42
CA TRP A 145 -12.59 -28.69 -16.38
C TRP A 145 -11.15 -28.23 -16.58
N GLY A 146 -10.70 -27.32 -15.73
CA GLY A 146 -9.37 -26.76 -15.86
C GLY A 146 -8.81 -26.25 -14.55
N VAL A 147 -7.52 -25.94 -14.54
CA VAL A 147 -6.83 -25.41 -13.38
C VAL A 147 -6.12 -24.12 -13.80
N HIS A 148 -6.23 -23.09 -12.97
CA HIS A 148 -5.77 -21.74 -13.35
C HIS A 148 -4.41 -21.46 -12.74
N HIS A 149 -3.46 -21.03 -13.56
CA HIS A 149 -2.13 -20.69 -13.10
C HIS A 149 -1.87 -19.20 -13.26
N PRO A 150 -2.05 -18.45 -12.17
CA PRO A 150 -1.90 -16.99 -12.17
C PRO A 150 -0.45 -16.59 -12.35
N GLY A 151 -0.23 -15.41 -12.92
CA GLY A 151 1.12 -14.95 -13.18
C GLY A 151 1.88 -14.58 -11.92
N THR A 152 1.18 -14.00 -10.94
CA THR A 152 1.83 -13.50 -9.74
C THR A 152 1.09 -13.92 -8.48
N ASP A 153 1.77 -13.83 -7.34
CA ASP A 153 1.10 -14.11 -6.08
C ASP A 153 0.02 -13.07 -5.78
N LYS A 154 0.22 -11.84 -6.24
CA LYS A 154 -0.76 -10.79 -6.03
C LYS A 154 -2.09 -11.20 -6.67
N ASP A 155 -2.02 -11.73 -7.89
CA ASP A 155 -3.22 -12.23 -8.57
C ASP A 155 -3.86 -13.43 -7.85
N GLN A 156 -3.03 -14.36 -7.37
CA GLN A 156 -3.52 -15.53 -6.66
C GLN A 156 -4.39 -15.15 -5.44
N ILE A 157 -3.93 -14.17 -4.66
CA ILE A 157 -4.68 -13.71 -3.50
C ILE A 157 -5.93 -12.91 -3.91
N PHE A 158 -5.80 -12.12 -4.97
CA PHE A 158 -6.91 -11.35 -5.50
C PHE A 158 -8.07 -12.24 -5.92
N LEU A 159 -7.74 -13.38 -6.51
CA LEU A 159 -8.74 -14.25 -7.12
C LEU A 159 -9.31 -15.25 -6.13
N TYR A 160 -8.47 -15.80 -5.27
CA TYR A 160 -8.87 -16.94 -4.45
C TYR A 160 -8.73 -16.70 -2.94
N ALA A 161 -8.15 -15.57 -2.56
CA ALA A 161 -8.01 -15.18 -1.14
C ALA A 161 -7.16 -16.10 -0.28
N GLN A 162 -6.40 -17.00 -0.90
CA GLN A 162 -5.45 -17.86 -0.20
C GLN A 162 -4.38 -18.37 -1.16
N ALA A 163 -3.32 -18.97 -0.62
CA ALA A 163 -2.25 -19.50 -1.47
C ALA A 163 -2.77 -20.72 -2.22
N ALA A 164 -2.04 -21.14 -3.25
CA ALA A 164 -2.53 -22.19 -4.12
C ALA A 164 -2.48 -23.55 -3.40
N GLY A 165 -3.52 -24.36 -3.60
CA GLY A 165 -3.58 -25.68 -3.01
C GLY A 165 -3.99 -26.72 -4.05
N ARG A 166 -4.06 -27.99 -3.63
CA ARG A 166 -4.31 -29.08 -4.56
C ARG A 166 -5.76 -29.11 -5.05
N ILE A 167 -5.95 -29.42 -6.33
CA ILE A 167 -7.29 -29.65 -6.86
C ILE A 167 -7.40 -31.14 -7.09
N THR A 168 -8.47 -31.75 -6.59
CA THR A 168 -8.62 -33.18 -6.78
C THR A 168 -9.95 -33.49 -7.43
N VAL A 169 -9.90 -34.09 -8.61
CA VAL A 169 -11.11 -34.53 -9.28
C VAL A 169 -11.06 -36.05 -9.31
N SER A 170 -11.98 -36.68 -8.59
CA SER A 170 -11.99 -38.13 -8.48
C SER A 170 -13.38 -38.69 -8.72
N THR A 171 -13.41 -39.98 -9.06
CA THR A 171 -14.63 -40.75 -9.15
C THR A 171 -14.36 -42.01 -8.34
N LYS A 172 -15.29 -42.96 -8.35
CA LYS A 172 -15.04 -44.25 -7.72
C LYS A 172 -13.93 -45.02 -8.45
N ARG A 173 -13.81 -44.80 -9.75
CA ARG A 173 -12.85 -45.53 -10.57
C ARG A 173 -11.48 -44.85 -10.69
N SER A 174 -11.42 -43.53 -10.48
CA SER A 174 -10.17 -42.79 -10.70
C SER A 174 -10.05 -41.52 -9.86
N GLN A 175 -8.85 -40.97 -9.83
CA GLN A 175 -8.57 -39.73 -9.12
C GLN A 175 -7.54 -38.95 -9.92
N GLN A 176 -7.79 -37.65 -10.08
CA GLN A 176 -6.86 -36.77 -10.76
C GLN A 176 -6.57 -35.61 -9.83
N ALA A 177 -5.29 -35.31 -9.68
CA ALA A 177 -4.86 -34.28 -8.75
C ALA A 177 -3.87 -33.36 -9.42
N VAL A 178 -4.12 -32.06 -9.35
CA VAL A 178 -3.25 -31.07 -9.98
C VAL A 178 -2.85 -30.01 -8.97
N ILE A 179 -1.59 -29.59 -9.04
CA ILE A 179 -1.11 -28.51 -8.20
C ILE A 179 -0.87 -27.26 -9.06
N PRO A 180 -1.67 -26.21 -8.82
CA PRO A 180 -1.54 -24.94 -9.55
C PRO A 180 -0.18 -24.35 -9.30
N ASN A 181 0.38 -23.69 -10.30
CA ASN A 181 1.75 -23.22 -10.23
C ASN A 181 1.78 -21.74 -10.50
N VAL A 182 1.94 -20.93 -9.45
CA VAL A 182 2.02 -19.51 -9.67
C VAL A 182 3.35 -19.20 -10.33
N GLY A 183 3.29 -18.56 -11.50
CA GLY A 183 4.48 -18.23 -12.25
C GLY A 183 4.12 -17.50 -13.53
N SER A 184 4.94 -16.53 -13.90
CA SER A 184 4.65 -15.70 -15.05
C SER A 184 5.22 -16.33 -16.33
N ARG A 185 4.35 -16.79 -17.22
CA ARG A 185 4.80 -17.38 -18.48
C ARG A 185 4.59 -16.25 -19.48
N PRO A 186 5.42 -16.20 -20.55
CA PRO A 186 5.33 -15.16 -21.58
C PRO A 186 3.91 -14.72 -21.95
N ARG A 187 3.71 -13.41 -22.04
CA ARG A 187 2.39 -12.85 -22.27
C ARG A 187 1.77 -13.31 -23.59
N VAL A 188 0.49 -13.64 -23.54
CA VAL A 188 -0.30 -13.94 -24.73
C VAL A 188 -1.62 -13.20 -24.59
N ARG A 189 -1.87 -12.25 -25.50
CA ARG A 189 -3.05 -11.37 -25.39
C ARG A 189 -2.98 -10.56 -24.09
N ASN A 190 -1.75 -10.16 -23.73
CA ASN A 190 -1.45 -9.53 -22.45
C ASN A 190 -1.82 -10.39 -21.23
N ILE A 191 -1.61 -11.70 -21.31
CA ILE A 191 -1.88 -12.60 -20.19
C ILE A 191 -0.70 -13.52 -19.91
N PRO A 192 -0.05 -13.33 -18.74
CA PRO A 192 1.06 -14.15 -18.24
C PRO A 192 0.56 -15.34 -17.43
N SER A 193 -0.76 -15.41 -17.25
CA SER A 193 -1.37 -16.53 -16.58
C SER A 193 -1.73 -17.60 -17.62
N ARG A 194 -2.08 -18.80 -17.17
CA ARG A 194 -2.41 -19.87 -18.10
C ARG A 194 -3.53 -20.70 -17.51
N VAL A 195 -4.22 -21.46 -18.35
CA VAL A 195 -5.20 -22.43 -17.87
C VAL A 195 -4.83 -23.80 -18.42
N SER A 196 -4.77 -24.82 -17.57
CA SER A 196 -4.53 -26.18 -18.02
C SER A 196 -5.82 -26.99 -18.03
N ILE A 197 -6.11 -27.62 -19.17
CA ILE A 197 -7.36 -28.35 -19.36
C ILE A 197 -7.20 -29.82 -19.08
N TYR A 198 -8.12 -30.36 -18.29
CA TYR A 198 -8.13 -31.80 -17.99
C TYR A 198 -9.55 -32.30 -18.27
N TRP A 199 -9.72 -33.61 -18.41
CA TRP A 199 -11.06 -34.15 -18.59
C TRP A 199 -11.28 -35.41 -17.77
N THR A 200 -12.55 -35.74 -17.58
CA THR A 200 -12.94 -36.87 -16.74
C THR A 200 -14.25 -37.43 -17.25
N ILE A 201 -14.32 -38.75 -17.42
CA ILE A 201 -15.54 -39.43 -17.88
C ILE A 201 -16.23 -40.10 -16.69
N VAL A 202 -17.54 -39.92 -16.56
CA VAL A 202 -18.28 -40.50 -15.43
C VAL A 202 -19.31 -41.53 -15.89
N LYS A 203 -19.12 -42.78 -15.46
CA LYS A 203 -19.99 -43.89 -15.89
C LYS A 203 -21.27 -43.86 -15.06
N PRO A 204 -22.35 -44.48 -15.56
CA PRO A 204 -23.61 -44.47 -14.80
C PRO A 204 -23.43 -45.14 -13.45
N GLY A 205 -24.09 -44.60 -12.42
CA GLY A 205 -23.94 -45.15 -11.08
C GLY A 205 -22.64 -44.71 -10.45
N ASP A 206 -21.80 -44.04 -11.24
CA ASP A 206 -20.58 -43.45 -10.71
C ASP A 206 -20.91 -41.99 -10.37
N ILE A 207 -19.98 -41.29 -9.75
CA ILE A 207 -20.27 -39.94 -9.28
C ILE A 207 -19.08 -39.01 -9.44
N LEU A 208 -19.36 -37.75 -9.75
CA LEU A 208 -18.30 -36.75 -9.94
C LEU A 208 -18.08 -36.03 -8.61
N LEU A 209 -16.81 -35.94 -8.22
CA LEU A 209 -16.44 -35.37 -6.93
C LEU A 209 -15.30 -34.37 -7.13
N ILE A 210 -15.57 -33.12 -6.77
CA ILE A 210 -14.60 -32.05 -6.95
C ILE A 210 -14.17 -31.50 -5.60
N ASN A 211 -12.85 -31.43 -5.39
CA ASN A 211 -12.27 -30.93 -4.16
C ASN A 211 -11.35 -29.78 -4.53
N SER A 212 -11.59 -28.60 -3.96
CA SER A 212 -10.84 -27.41 -4.37
C SER A 212 -10.83 -26.26 -3.36
N THR A 213 -9.67 -25.63 -3.20
CA THR A 213 -9.54 -24.45 -2.38
C THR A 213 -9.20 -23.20 -3.23
N GLY A 214 -9.49 -23.27 -4.54
CA GLY A 214 -9.18 -22.16 -5.44
C GLY A 214 -8.54 -22.67 -6.72
N ASN A 215 -8.37 -21.78 -7.70
CA ASN A 215 -7.73 -22.11 -8.97
C ASN A 215 -8.55 -23.10 -9.82
N LEU A 216 -9.77 -23.39 -9.38
CA LEU A 216 -10.64 -24.29 -10.15
C LEU A 216 -11.37 -23.55 -11.25
N ILE A 217 -11.35 -24.12 -12.43
CA ILE A 217 -12.14 -23.62 -13.54
C ILE A 217 -13.15 -24.71 -13.84
N ALA A 218 -14.38 -24.40 -13.48
CA ALA A 218 -15.39 -25.42 -13.28
C ALA A 218 -16.16 -25.67 -14.56
N PRO A 219 -16.75 -26.86 -14.68
CA PRO A 219 -17.58 -27.16 -15.84
C PRO A 219 -19.00 -26.70 -15.58
N ARG A 220 -19.74 -26.41 -16.64
CA ARG A 220 -21.11 -25.99 -16.47
C ARG A 220 -22.03 -27.20 -16.65
N GLY A 221 -21.41 -28.31 -17.05
CA GLY A 221 -22.13 -29.54 -17.37
C GLY A 221 -21.29 -30.52 -18.13
N TYR A 222 -21.95 -31.39 -18.91
CA TYR A 222 -21.24 -32.47 -19.61
C TYR A 222 -21.55 -32.57 -21.10
N PHE A 223 -20.62 -33.16 -21.82
CA PHE A 223 -20.85 -33.52 -23.21
C PHE A 223 -21.27 -35.00 -23.21
N LYS A 224 -21.96 -35.44 -24.25
CA LYS A 224 -22.26 -36.86 -24.39
C LYS A 224 -21.13 -37.47 -25.21
N ILE A 225 -20.73 -38.68 -24.83
CA ILE A 225 -19.62 -39.31 -25.47
C ILE A 225 -20.15 -40.49 -26.20
N ARG A 226 -19.93 -40.49 -27.49
CA ARG A 226 -20.25 -41.64 -28.29
C ARG A 226 -18.94 -42.39 -28.46
N SER A 227 -18.59 -42.72 -29.68
CA SER A 227 -17.36 -43.41 -29.92
C SER A 227 -17.63 -44.88 -30.12
N GLY A 228 -18.18 -45.21 -31.27
CA GLY A 228 -18.52 -44.22 -32.27
C GLY A 228 -17.43 -44.09 -33.31
N LYS A 229 -17.84 -43.90 -34.55
CA LYS A 229 -16.89 -43.81 -35.65
C LYS A 229 -17.06 -42.54 -36.43
N SER A 230 -16.49 -41.45 -35.93
CA SER A 230 -16.42 -40.24 -36.69
C SER A 230 -14.99 -39.85 -36.63
N SER A 231 -14.61 -38.79 -37.27
CA SER A 231 -13.17 -38.52 -37.31
C SER A 231 -12.79 -37.06 -37.65
N ILE A 232 -11.49 -36.79 -37.66
CA ILE A 232 -10.96 -35.46 -38.00
C ILE A 232 -9.78 -35.58 -38.94
N MET A 233 -9.68 -34.63 -39.86
CA MET A 233 -8.60 -34.60 -40.81
C MET A 233 -8.08 -33.17 -40.91
N ARG A 234 -6.76 -33.01 -40.80
CA ARG A 234 -6.11 -31.73 -41.03
C ARG A 234 -5.99 -31.54 -42.53
N SER A 235 -6.60 -30.49 -43.04
CA SER A 235 -6.60 -30.25 -44.47
C SER A 235 -6.98 -28.80 -44.80
N ASP A 236 -6.31 -28.25 -45.80
CA ASP A 236 -6.64 -26.92 -46.29
C ASP A 236 -7.39 -27.03 -47.60
N ALA A 237 -7.96 -28.20 -47.87
CA ALA A 237 -8.68 -28.41 -49.11
C ALA A 237 -10.08 -27.78 -49.07
N PRO A 238 -10.49 -27.13 -50.17
CA PRO A 238 -11.77 -26.44 -50.31
C PRO A 238 -12.91 -27.45 -50.37
N ILE A 239 -14.14 -26.99 -50.23
CA ILE A 239 -15.29 -27.87 -50.25
C ILE A 239 -16.22 -27.47 -51.39
N GLY A 240 -16.73 -28.44 -52.13
CA GLY A 240 -17.57 -28.20 -53.30
C GLY A 240 -18.84 -29.01 -53.19
N LYS A 241 -19.75 -28.87 -54.15
CA LYS A 241 -20.96 -29.68 -54.10
C LYS A 241 -20.85 -30.89 -55.01
N CYS A 242 -20.85 -32.09 -54.41
CA CYS A 242 -20.65 -33.32 -55.14
C CYS A 242 -20.86 -34.51 -54.22
N ASN A 243 -20.88 -35.70 -54.79
CA ASN A 243 -20.98 -36.94 -54.01
C ASN A 243 -19.77 -37.85 -54.20
N SER A 244 -19.24 -38.37 -53.10
CA SER A 244 -18.05 -39.22 -53.07
C SER A 244 -17.96 -39.88 -51.70
N ALA A 245 -17.60 -41.16 -51.68
CA ALA A 245 -17.57 -41.91 -50.44
C ALA A 245 -16.22 -41.83 -49.76
N CYS A 246 -15.17 -41.51 -50.52
CA CYS A 246 -13.84 -41.47 -49.95
C CYS A 246 -13.24 -40.06 -50.01
N ILE A 247 -12.73 -39.57 -48.88
CA ILE A 247 -12.17 -38.23 -48.71
C ILE A 247 -10.69 -38.33 -48.32
N THR A 248 -9.85 -37.46 -48.85
CA THR A 248 -8.46 -37.39 -48.41
C THR A 248 -8.14 -35.93 -48.09
N PRO A 249 -6.99 -35.68 -47.43
CA PRO A 249 -6.54 -34.31 -47.17
C PRO A 249 -6.20 -33.55 -48.45
N ASN A 250 -6.03 -34.26 -49.56
CA ASN A 250 -5.79 -33.62 -50.84
C ASN A 250 -7.06 -33.58 -51.66
N GLY A 251 -8.18 -33.99 -51.07
CA GLY A 251 -9.49 -33.93 -51.71
C GLY A 251 -10.19 -35.27 -51.77
N SER A 252 -11.46 -35.28 -52.19
CA SER A 252 -12.19 -36.54 -52.34
C SER A 252 -11.72 -37.31 -53.57
N ILE A 253 -11.88 -38.64 -53.54
CA ILE A 253 -11.57 -39.53 -54.66
C ILE A 253 -12.60 -40.67 -54.80
N PRO A 254 -12.73 -41.22 -56.02
CA PRO A 254 -13.73 -42.30 -56.12
C PRO A 254 -13.22 -43.68 -55.64
N ASN A 255 -14.15 -44.55 -55.24
CA ASN A 255 -13.84 -45.80 -54.57
C ASN A 255 -14.00 -46.99 -55.49
N ASP A 256 -13.17 -47.07 -56.53
CA ASP A 256 -13.36 -48.09 -57.52
C ASP A 256 -12.09 -48.92 -57.74
N LYS A 257 -10.94 -48.30 -57.54
CA LYS A 257 -9.68 -49.02 -57.68
C LYS A 257 -9.29 -49.64 -56.34
N PRO A 258 -8.54 -50.75 -56.39
CA PRO A 258 -8.17 -51.42 -55.14
C PRO A 258 -7.13 -50.64 -54.36
N PHE A 259 -6.40 -49.76 -55.04
CA PHE A 259 -5.31 -49.02 -54.42
C PHE A 259 -5.42 -47.51 -54.66
N GLN A 260 -4.51 -46.75 -54.04
CA GLN A 260 -4.55 -45.29 -54.01
C GLN A 260 -3.17 -44.81 -53.52
N ASN A 261 -2.62 -43.76 -54.13
CA ASN A 261 -1.32 -43.24 -53.68
C ASN A 261 -1.35 -41.74 -53.39
N VAL A 262 -2.53 -41.19 -53.14
CA VAL A 262 -2.63 -39.77 -52.86
C VAL A 262 -2.22 -39.44 -51.41
N ASN A 263 -2.76 -40.18 -50.44
CA ASN A 263 -2.45 -39.97 -49.03
C ASN A 263 -2.93 -41.12 -48.12
N ARG A 264 -2.16 -41.39 -47.07
CA ARG A 264 -2.46 -42.41 -46.06
C ARG A 264 -3.81 -42.30 -45.33
N ILE A 265 -4.24 -41.07 -45.09
CA ILE A 265 -5.38 -40.81 -44.20
C ILE A 265 -6.68 -40.68 -44.99
N THR A 266 -7.68 -41.47 -44.68
CA THR A 266 -8.92 -41.44 -45.45
C THR A 266 -10.09 -41.64 -44.50
N TYR A 267 -11.30 -41.34 -44.96
CA TYR A 267 -12.53 -41.58 -44.20
C TYR A 267 -13.56 -42.12 -45.18
N GLY A 268 -14.22 -43.21 -44.82
CA GLY A 268 -15.26 -43.78 -45.68
C GLY A 268 -14.74 -45.01 -46.40
N ALA A 269 -15.46 -45.43 -47.44
CA ALA A 269 -15.08 -46.62 -48.21
C ALA A 269 -14.00 -46.29 -49.24
N CYS A 270 -12.78 -46.72 -48.94
CA CYS A 270 -11.61 -46.28 -49.70
C CYS A 270 -10.64 -47.41 -50.12
N PRO A 271 -9.85 -47.16 -51.17
CA PRO A 271 -8.77 -48.07 -51.58
C PRO A 271 -7.67 -48.19 -50.54
N ARG A 272 -6.92 -49.29 -50.56
CA ARG A 272 -5.71 -49.43 -49.75
C ARG A 272 -4.66 -48.42 -50.21
N TYR A 273 -3.95 -47.77 -49.29
CA TYR A 273 -2.85 -46.91 -49.69
C TYR A 273 -1.73 -47.81 -50.22
N SER A 274 -0.96 -47.34 -51.20
CA SER A 274 0.03 -48.18 -51.88
C SER A 274 1.39 -47.52 -51.90
N LYS A 275 1.51 -46.38 -52.58
CA LYS A 275 2.80 -45.71 -52.75
C LYS A 275 3.75 -46.37 -53.76
N GLY B 4 -6.49 6.21 71.02
CA GLY B 4 -5.54 7.27 71.35
C GLY B 4 -5.07 8.01 70.12
N SER B 5 -4.55 9.22 70.29
CA SER B 5 -4.05 10.00 69.17
C SER B 5 -2.52 9.89 69.12
N GLU B 6 -1.95 9.39 70.21
CA GLU B 6 -0.53 9.12 70.26
C GLU B 6 -0.22 7.71 69.71
N LEU B 7 -1.27 6.90 69.50
CA LEU B 7 -1.08 5.58 68.89
C LEU B 7 -1.39 5.61 67.38
N VAL B 8 -2.16 6.59 66.91
CA VAL B 8 -2.59 6.55 65.51
C VAL B 8 -2.19 7.79 64.73
N GLN B 9 -1.70 7.60 63.52
CA GLN B 9 -1.34 8.71 62.66
C GLN B 9 -2.51 8.90 61.73
N SER B 10 -3.09 10.10 61.71
CA SER B 10 -4.36 10.35 60.99
C SER B 10 -4.30 11.51 60.01
N SER B 11 -3.29 12.35 60.13
CA SER B 11 -3.22 13.51 59.25
C SER B 11 -2.15 13.31 58.20
N SER B 12 -2.24 14.11 57.13
CA SER B 12 -1.19 14.17 56.14
C SER B 12 -1.28 15.51 55.43
N THR B 13 -0.15 16.00 54.95
CA THR B 13 -0.10 17.24 54.20
C THR B 13 -0.83 17.14 52.86
N GLY B 14 -0.90 15.93 52.30
CA GLY B 14 -1.54 15.73 51.01
C GLY B 14 -0.53 15.61 49.89
N GLU B 15 0.73 15.83 50.24
CA GLU B 15 1.84 15.72 49.29
C GLU B 15 2.51 14.35 49.38
N ILE B 16 3.06 13.88 48.26
CA ILE B 16 3.91 12.70 48.27
C ILE B 16 5.33 13.22 48.21
N CYS B 17 6.20 12.71 49.08
CA CYS B 17 7.56 13.23 49.15
C CYS B 17 8.45 12.51 48.16
N ASN B 18 9.17 13.28 47.34
CA ASN B 18 10.02 12.70 46.30
C ASN B 18 11.29 12.06 46.86
N SER B 19 11.46 12.12 48.17
CA SER B 19 12.60 11.52 48.84
C SER B 19 12.06 10.71 50.01
N PRO B 20 12.74 9.60 50.37
CA PRO B 20 13.96 9.08 49.75
C PRO B 20 13.65 7.98 48.75
N HIS B 21 12.39 7.83 48.40
CA HIS B 21 12.00 6.82 47.42
C HIS B 21 11.98 7.47 46.05
N GLN B 22 12.55 6.78 45.07
CA GLN B 22 12.51 7.31 43.72
C GLN B 22 11.09 7.20 43.15
N ILE B 23 10.51 8.35 42.84
CA ILE B 23 9.13 8.41 42.35
C ILE B 23 9.07 8.78 40.86
N LEU B 24 8.17 8.10 40.15
CA LEU B 24 7.93 8.35 38.74
C LEU B 24 6.44 8.67 38.53
N ASP B 25 6.14 9.90 38.13
CA ASP B 25 4.75 10.32 37.93
C ASP B 25 4.26 9.91 36.54
N GLY B 26 3.25 9.05 36.51
CA GLY B 26 2.76 8.52 35.26
C GLY B 26 2.13 9.56 34.35
N GLU B 27 1.72 10.69 34.93
CA GLU B 27 0.98 11.75 34.22
C GLU B 27 -0.18 11.21 33.39
N ASN B 28 -0.17 11.46 32.08
CA ASN B 28 -1.27 10.98 31.25
C ASN B 28 -1.20 9.50 30.94
N CYS B 29 -0.07 8.87 31.29
CA CYS B 29 0.15 7.46 30.94
C CYS B 29 -0.05 6.48 32.09
N THR B 30 -0.73 5.38 31.77
CA THR B 30 -0.85 4.24 32.66
C THR B 30 0.45 3.42 32.50
N LEU B 31 0.73 2.52 33.44
CA LEU B 31 2.02 1.82 33.40
C LEU B 31 2.08 0.92 32.19
N ILE B 32 0.97 0.25 31.90
CA ILE B 32 0.92 -0.65 30.74
C ILE B 32 1.11 0.13 29.41
N ASP B 33 0.50 1.30 29.27
CA ASP B 33 0.71 2.13 28.07
C ASP B 33 2.18 2.53 27.94
N ALA B 34 2.85 2.88 29.04
CA ALA B 34 4.27 3.24 28.97
C ALA B 34 5.13 2.03 28.62
N LEU B 35 4.64 0.83 28.92
CA LEU B 35 5.39 -0.39 28.64
C LEU B 35 5.36 -0.67 27.15
N LEU B 36 4.14 -0.76 26.62
CA LEU B 36 3.88 -1.05 25.21
C LEU B 36 4.44 0.01 24.28
N GLY B 37 4.41 1.27 24.71
CA GLY B 37 4.96 2.34 23.90
C GLY B 37 3.92 3.20 23.22
N ASP B 38 2.89 3.57 23.99
CA ASP B 38 1.84 4.50 23.55
C ASP B 38 2.51 5.83 23.24
N PRO B 39 2.06 6.51 22.17
CA PRO B 39 2.75 7.73 21.69
C PRO B 39 2.73 8.91 22.69
N GLN B 40 1.86 8.90 23.69
CA GLN B 40 1.92 9.92 24.72
C GLN B 40 3.10 9.62 25.66
N CYS B 41 3.64 8.41 25.59
CA CYS B 41 4.46 7.89 26.69
C CYS B 41 5.94 7.68 26.35
N ASP B 42 6.41 8.34 25.30
CA ASP B 42 7.76 8.09 24.81
C ASP B 42 8.84 8.55 25.79
N GLY B 43 8.53 9.57 26.59
CA GLY B 43 9.44 10.02 27.64
C GLY B 43 9.64 9.02 28.78
N PHE B 44 8.82 7.98 28.84
CA PHE B 44 8.93 7.00 29.93
C PHE B 44 9.89 5.86 29.58
N GLN B 45 10.41 5.86 28.35
CA GLN B 45 11.30 4.77 27.92
C GLN B 45 12.51 4.62 28.85
N ASN B 46 12.76 3.39 29.25
CA ASN B 46 13.92 3.05 30.09
C ASN B 46 13.98 3.74 31.43
N LYS B 47 12.85 4.24 31.93
CA LYS B 47 12.83 4.85 33.25
C LYS B 47 12.84 3.79 34.33
N LYS B 48 13.27 4.18 35.52
CA LYS B 48 13.25 3.28 36.67
C LYS B 48 12.51 3.98 37.79
N TRP B 49 12.09 3.21 38.80
CA TRP B 49 11.35 3.78 39.92
C TRP B 49 11.28 2.83 41.10
N ASP B 50 11.17 3.40 42.30
CA ASP B 50 10.77 2.59 43.45
C ASP B 50 9.26 2.53 43.41
N LEU B 51 8.62 3.68 43.12
CA LEU B 51 7.14 3.75 43.06
C LEU B 51 6.66 4.55 41.83
N PHE B 52 5.81 3.91 41.04
CA PHE B 52 5.19 4.54 39.88
C PHE B 52 3.76 4.95 40.28
N VAL B 53 3.38 6.21 40.04
CA VAL B 53 2.07 6.72 40.45
C VAL B 53 1.12 6.92 39.25
N GLU B 54 0.12 6.04 39.09
CA GLU B 54 -0.86 6.19 38.01
C GLU B 54 -1.85 7.30 38.41
N ARG B 55 -2.38 8.01 37.42
CA ARG B 55 -3.28 9.14 37.65
C ARG B 55 -4.64 8.82 37.05
N SER B 56 -5.72 9.37 37.62
CA SER B 56 -7.04 9.01 37.12
C SER B 56 -7.28 9.61 35.72
N LYS B 57 -6.62 10.72 35.43
CA LYS B 57 -6.80 11.35 34.13
C LYS B 57 -6.15 10.53 32.99
N ALA B 58 -5.37 9.50 33.33
CA ALA B 58 -4.67 8.71 32.30
C ALA B 58 -5.60 8.06 31.29
N HIS B 59 -5.29 8.25 30.01
CA HIS B 59 -6.11 7.73 28.90
C HIS B 59 -5.18 7.11 27.84
N SER B 60 -5.70 6.11 27.11
CA SER B 60 -4.96 5.42 26.07
C SER B 60 -5.17 6.14 24.74
N ASN B 61 -4.13 6.22 23.93
CA ASN B 61 -4.28 6.91 22.65
C ASN B 61 -3.61 6.17 21.50
N CYS B 62 -3.78 4.86 21.45
CA CYS B 62 -3.15 4.11 20.39
C CYS B 62 -4.15 3.07 19.89
N TYR B 63 -3.66 1.97 19.35
CA TYR B 63 -4.54 0.93 18.84
C TYR B 63 -5.28 0.35 20.02
N PRO B 64 -6.58 0.06 19.82
CA PRO B 64 -7.45 -0.50 20.88
C PRO B 64 -6.93 -1.85 21.29
N TYR B 65 -6.72 -2.08 22.58
CA TYR B 65 -6.21 -3.35 23.06
C TYR B 65 -6.85 -3.87 24.35
N ASP B 66 -6.67 -5.16 24.62
CA ASP B 66 -7.01 -5.73 25.92
C ASP B 66 -5.85 -6.62 26.34
N VAL B 67 -5.64 -6.71 27.65
CA VAL B 67 -4.66 -7.62 28.22
C VAL B 67 -5.35 -8.62 29.12
N PRO B 68 -5.52 -9.85 28.62
CA PRO B 68 -6.15 -10.95 29.35
C PRO B 68 -5.56 -11.10 30.75
N ASP B 69 -4.28 -10.83 30.92
CA ASP B 69 -3.70 -10.94 32.24
C ASP B 69 -3.26 -9.57 32.72
N TYR B 70 -4.13 -8.57 32.57
CA TYR B 70 -3.79 -7.19 32.96
C TYR B 70 -3.17 -7.04 34.36
N ALA B 71 -3.94 -7.37 35.41
CA ALA B 71 -3.44 -7.14 36.76
C ALA B 71 -2.04 -7.74 37.01
N SER B 72 -1.89 -8.99 36.61
CA SER B 72 -0.65 -9.74 36.83
C SER B 72 0.54 -9.04 36.15
N LEU B 73 0.37 -8.69 34.88
CA LEU B 73 1.37 -8.01 34.09
C LEU B 73 1.71 -6.65 34.72
N ARG B 74 0.66 -5.90 35.04
CA ARG B 74 0.78 -4.56 35.58
C ARG B 74 1.56 -4.66 36.87
N SER B 75 1.31 -5.74 37.60
CA SER B 75 1.92 -5.93 38.90
C SER B 75 3.38 -6.43 38.77
N LEU B 76 3.63 -7.35 37.84
CA LEU B 76 4.98 -7.81 37.53
C LEU B 76 5.94 -6.63 37.30
N VAL B 77 5.62 -5.82 36.30
CA VAL B 77 6.48 -4.73 35.89
C VAL B 77 6.64 -3.67 36.99
N ALA B 78 5.57 -3.38 37.72
CA ALA B 78 5.65 -2.42 38.82
C ALA B 78 6.69 -2.85 39.85
N SER B 79 6.62 -4.12 40.27
CA SER B 79 7.58 -4.68 41.22
C SER B 79 9.01 -4.64 40.66
N SER B 80 9.14 -4.85 39.36
CA SER B 80 10.45 -4.89 38.71
C SER B 80 11.16 -3.54 38.85
N GLY B 81 10.40 -2.46 38.68
CA GLY B 81 10.89 -1.12 38.91
C GLY B 81 11.67 -0.57 37.73
N THR B 82 11.38 -1.06 36.52
CA THR B 82 12.02 -0.50 35.35
C THR B 82 11.27 -0.73 34.05
N LEU B 83 11.52 0.13 33.07
CA LEU B 83 11.12 -0.19 31.70
C LEU B 83 12.40 -0.34 30.78
N GLU B 84 13.56 -0.59 31.39
CA GLU B 84 14.81 -0.79 30.62
C GLU B 84 14.61 -1.84 29.52
N PHE B 85 14.68 -1.42 28.26
CA PHE B 85 14.42 -2.32 27.14
C PHE B 85 15.67 -2.60 26.34
N ASN B 86 15.77 -3.81 25.81
CA ASN B 86 16.90 -4.13 24.94
C ASN B 86 16.46 -4.67 23.60
N ASN B 87 16.84 -3.97 22.53
CA ASN B 87 16.52 -4.38 21.17
C ASN B 87 17.19 -5.71 20.79
N GLU B 88 16.50 -6.50 19.97
CA GLU B 88 17.08 -7.75 19.49
C GLU B 88 16.71 -7.89 18.03
N SER B 89 17.57 -8.56 17.26
CA SER B 89 17.35 -8.72 15.83
C SER B 89 16.78 -10.11 15.52
N PHE B 90 15.46 -10.20 15.48
CA PHE B 90 14.75 -11.39 15.05
C PHE B 90 14.83 -11.55 13.55
N ASN B 91 14.73 -12.80 13.07
CA ASN B 91 14.74 -13.06 11.64
C ASN B 91 13.34 -13.02 11.03
N TRP B 92 12.91 -11.82 10.64
CA TRP B 92 11.61 -11.69 10.02
C TRP B 92 11.84 -11.73 8.51
N THR B 93 12.23 -12.90 8.02
CA THR B 93 12.50 -13.08 6.61
C THR B 93 11.22 -13.53 5.99
N GLY B 94 10.81 -12.83 4.95
CA GLY B 94 9.60 -13.19 4.25
C GLY B 94 8.40 -12.34 4.58
N VAL B 95 8.55 -11.39 5.51
CA VAL B 95 7.41 -10.55 5.91
C VAL B 95 7.74 -9.09 5.87
N THR B 96 6.71 -8.26 5.88
CA THR B 96 6.88 -6.82 5.97
C THR B 96 6.81 -6.42 7.45
N GLN B 97 7.68 -5.50 7.84
CA GLN B 97 7.78 -5.08 9.23
C GLN B 97 7.16 -3.72 9.44
N ASN B 98 7.02 -3.34 10.72
CA ASN B 98 6.69 -1.96 11.06
C ASN B 98 5.35 -1.47 10.51
N GLY B 99 4.32 -2.29 10.59
CA GLY B 99 2.96 -1.85 10.23
C GLY B 99 2.47 -0.68 11.07
N THR B 100 1.64 0.21 10.51
CA THR B 100 1.13 1.37 11.28
C THR B 100 -0.39 1.60 11.17
N SER B 101 -0.93 2.52 11.97
CA SER B 101 -2.37 2.75 11.94
C SER B 101 -2.79 4.19 12.25
N SER B 102 -3.87 4.65 11.62
CA SER B 102 -4.42 5.97 11.96
C SER B 102 -4.95 6.01 13.40
N ALA B 103 -5.01 4.84 14.03
CA ALA B 103 -5.38 4.77 15.42
C ALA B 103 -4.23 5.20 16.34
N CYS B 104 -2.99 5.06 15.87
CA CYS B 104 -1.84 5.46 16.68
C CYS B 104 -1.12 6.56 15.97
N ILE B 105 -1.44 7.81 16.28
CA ILE B 105 -0.82 8.94 15.61
C ILE B 105 0.44 9.40 16.32
N ARG B 106 1.48 9.71 15.56
CA ARG B 106 2.73 10.19 16.14
C ARG B 106 3.32 11.22 15.20
N ARG B 107 3.41 12.48 15.65
CA ARG B 107 3.85 13.59 14.81
C ARG B 107 3.04 13.66 13.51
N SER B 108 1.72 13.53 13.68
CA SER B 108 0.70 13.52 12.61
C SER B 108 0.67 12.29 11.67
N ASN B 109 1.64 11.39 11.80
CA ASN B 109 1.68 10.20 10.95
C ASN B 109 1.07 8.96 11.61
N ASN B 110 0.40 8.14 10.82
CA ASN B 110 0.11 6.78 11.27
C ASN B 110 1.33 6.15 11.99
N SER B 111 1.12 5.53 13.15
CA SER B 111 2.22 4.91 13.91
C SER B 111 1.77 3.59 14.55
N PHE B 112 2.44 3.16 15.60
CA PHE B 112 2.08 1.94 16.32
C PHE B 112 2.78 1.95 17.65
N PHE B 113 2.50 0.96 18.50
CA PHE B 113 3.18 0.84 19.78
C PHE B 113 4.67 0.74 19.54
N SER B 114 5.44 1.56 20.24
CA SER B 114 6.85 1.67 19.97
C SER B 114 7.62 0.37 20.20
N ARG B 115 7.09 -0.53 21.04
CA ARG B 115 7.86 -1.72 21.41
C ARG B 115 7.39 -2.99 20.69
N LEU B 116 6.43 -2.83 19.81
CA LEU B 116 5.84 -3.96 19.13
C LEU B 116 6.03 -3.77 17.62
N ASN B 117 5.93 -4.87 16.89
CA ASN B 117 6.27 -4.88 15.47
C ASN B 117 5.16 -5.59 14.74
N TRP B 118 4.44 -4.84 13.91
CA TRP B 118 3.29 -5.40 13.22
C TRP B 118 3.74 -5.99 11.90
N LEU B 119 3.79 -7.32 11.86
CA LEU B 119 4.21 -8.01 10.65
C LEU B 119 3.01 -8.26 9.75
N THR B 120 3.16 -7.88 8.48
CA THR B 120 2.16 -8.15 7.44
C THR B 120 2.85 -8.88 6.29
N HIS B 121 2.10 -9.21 5.25
CA HIS B 121 2.63 -10.01 4.16
C HIS B 121 3.71 -9.24 3.39
N LEU B 122 4.58 -9.98 2.68
CA LEU B 122 5.57 -9.40 1.77
C LEU B 122 5.34 -10.02 0.41
N ASN B 123 5.10 -9.19 -0.61
CA ASN B 123 4.78 -9.66 -1.95
C ASN B 123 3.71 -10.71 -1.98
N PHE B 124 2.70 -10.52 -1.12
CA PHE B 124 1.51 -11.36 -1.10
C PHE B 124 1.79 -12.77 -0.67
N LYS B 125 2.72 -12.90 0.26
CA LYS B 125 3.00 -14.15 0.93
C LYS B 125 3.31 -13.88 2.40
N TYR B 126 2.95 -14.83 3.26
CA TYR B 126 3.31 -14.80 4.67
C TYR B 126 3.65 -16.24 5.01
N PRO B 127 4.95 -16.56 5.04
CA PRO B 127 5.43 -17.94 5.28
C PRO B 127 5.11 -18.37 6.71
N ALA B 128 5.14 -19.67 6.99
CA ALA B 128 4.99 -20.13 8.37
C ALA B 128 6.24 -19.75 9.11
N LEU B 129 6.11 -18.82 10.05
CA LEU B 129 7.24 -18.38 10.84
C LEU B 129 7.67 -19.44 11.87
N ASN B 130 8.97 -19.68 11.92
CA ASN B 130 9.63 -20.58 12.86
C ASN B 130 10.87 -19.84 13.30
N VAL B 131 10.72 -18.91 14.23
CA VAL B 131 11.80 -18.02 14.64
C VAL B 131 12.17 -18.32 16.10
N THR B 132 13.44 -18.14 16.44
CA THR B 132 13.95 -18.47 17.77
C THR B 132 14.79 -17.35 18.33
N MET B 133 14.84 -17.24 19.66
CA MET B 133 15.72 -16.28 20.30
C MET B 133 16.17 -16.86 21.63
N PRO B 134 17.44 -17.26 21.70
CA PRO B 134 17.99 -17.95 22.87
C PRO B 134 18.40 -16.97 23.97
N ASN B 135 18.18 -17.34 25.23
CA ASN B 135 18.69 -16.51 26.33
C ASN B 135 20.07 -17.02 26.76
N ASN B 136 21.10 -16.27 26.39
CA ASN B 136 22.47 -16.63 26.74
C ASN B 136 22.99 -15.66 27.78
N GLU B 137 22.10 -14.79 28.24
CA GLU B 137 22.43 -13.85 29.27
C GLU B 137 22.40 -14.56 30.63
N GLN B 138 22.87 -13.87 31.67
CA GLN B 138 22.80 -14.44 33.02
C GLN B 138 21.46 -14.12 33.70
N PHE B 139 20.73 -13.10 33.21
CA PHE B 139 19.45 -12.67 33.80
C PHE B 139 18.22 -13.16 33.02
N ASP B 140 17.03 -12.86 33.55
CA ASP B 140 15.75 -13.21 32.91
C ASP B 140 15.33 -12.18 31.85
N LYS B 141 14.69 -12.65 30.78
CA LYS B 141 14.20 -11.76 29.74
C LYS B 141 12.66 -11.78 29.78
N LEU B 142 12.08 -10.58 29.71
CA LEU B 142 10.61 -10.41 29.65
C LEU B 142 10.20 -9.94 28.26
N TYR B 143 9.46 -10.77 27.54
CA TYR B 143 9.02 -10.44 26.19
C TYR B 143 7.55 -10.11 26.19
N ILE B 144 7.20 -8.98 25.58
CA ILE B 144 5.81 -8.57 25.38
C ILE B 144 5.50 -8.69 23.92
N TRP B 145 4.40 -9.36 23.59
CA TRP B 145 3.96 -9.53 22.20
C TRP B 145 2.44 -9.52 22.15
N GLY B 146 1.85 -9.66 20.96
CA GLY B 146 0.42 -9.53 20.81
C GLY B 146 -0.22 -10.30 19.66
N VAL B 147 -1.55 -10.30 19.62
CA VAL B 147 -2.28 -10.96 18.55
C VAL B 147 -3.30 -9.98 17.98
N HIS B 148 -3.41 -9.92 16.66
CA HIS B 148 -4.27 -8.94 16.03
C HIS B 148 -5.58 -9.59 15.57
N HIS B 149 -6.69 -9.00 16.00
CA HIS B 149 -8.02 -9.51 15.64
C HIS B 149 -8.66 -8.49 14.72
N PRO B 150 -8.59 -8.73 13.40
CA PRO B 150 -9.12 -7.81 12.39
C PRO B 150 -10.64 -7.76 12.45
N GLY B 151 -11.23 -6.64 12.01
CA GLY B 151 -12.66 -6.50 12.02
C GLY B 151 -13.35 -7.39 11.02
N THR B 152 -12.71 -7.60 9.87
CA THR B 152 -13.32 -8.34 8.77
C THR B 152 -12.37 -9.31 8.09
N ASP B 153 -12.93 -10.21 7.28
CA ASP B 153 -12.14 -11.14 6.47
C ASP B 153 -11.35 -10.37 5.41
N LYS B 154 -11.93 -9.29 4.90
CA LYS B 154 -11.27 -8.48 3.90
C LYS B 154 -9.98 -7.92 4.48
N ASP B 155 -10.09 -7.42 5.71
CA ASP B 155 -8.91 -6.95 6.43
C ASP B 155 -7.93 -8.09 6.68
N GLN B 156 -8.44 -9.26 7.10
CA GLN B 156 -7.55 -10.38 7.38
C GLN B 156 -6.70 -10.72 6.15
N ILE B 157 -7.32 -10.76 4.97
CA ILE B 157 -6.63 -11.09 3.73
C ILE B 157 -5.64 -10.02 3.22
N PHE B 158 -6.03 -8.77 3.36
CA PHE B 158 -5.20 -7.63 2.96
C PHE B 158 -3.90 -7.61 3.71
N LEU B 159 -4.00 -7.96 4.99
CA LEU B 159 -2.87 -7.87 5.91
C LEU B 159 -1.97 -9.11 5.85
N TYR B 160 -2.59 -10.28 5.73
CA TYR B 160 -1.85 -11.52 5.92
C TYR B 160 -1.92 -12.47 4.72
N ALA B 161 -2.71 -12.10 3.70
CA ALA B 161 -2.85 -12.89 2.47
C ALA B 161 -3.40 -14.32 2.66
N GLN B 162 -3.85 -14.66 3.87
CA GLN B 162 -4.52 -15.93 4.12
C GLN B 162 -5.43 -15.87 5.35
N ALA B 163 -6.27 -16.88 5.56
CA ALA B 163 -7.17 -16.88 6.71
C ALA B 163 -6.39 -17.04 8.02
N ALA B 164 -7.04 -16.78 9.15
CA ALA B 164 -6.38 -16.75 10.44
C ALA B 164 -6.05 -18.16 10.93
N GLY B 165 -4.85 -18.32 11.46
CA GLY B 165 -4.38 -19.59 11.99
C GLY B 165 -3.79 -19.38 13.38
N ARG B 166 -3.33 -20.46 14.02
CA ARG B 166 -2.87 -20.42 15.40
C ARG B 166 -1.47 -19.81 15.55
N ILE B 167 -1.28 -19.00 16.59
CA ILE B 167 0.02 -18.47 16.92
C ILE B 167 0.50 -19.23 18.15
N THR B 168 1.74 -19.73 18.12
CA THR B 168 2.23 -20.46 19.27
C THR B 168 3.55 -19.85 19.75
N VAL B 169 3.56 -19.40 20.99
CA VAL B 169 4.77 -18.89 21.62
C VAL B 169 5.16 -19.82 22.76
N SER B 170 6.33 -20.47 22.63
CA SER B 170 6.77 -21.43 23.62
C SER B 170 8.22 -21.28 24.09
N THR B 171 8.49 -21.83 25.26
CA THR B 171 9.84 -22.01 25.79
C THR B 171 9.91 -23.48 26.23
N LYS B 172 11.02 -23.89 26.83
CA LYS B 172 11.12 -25.24 27.39
C LYS B 172 10.17 -25.43 28.58
N ARG B 173 9.93 -24.35 29.31
CA ARG B 173 9.09 -24.40 30.50
C ARG B 173 7.60 -24.15 30.23
N SER B 174 7.29 -23.52 29.10
CA SER B 174 5.92 -23.07 28.85
C SER B 174 5.56 -23.03 27.37
N GLN B 175 4.26 -22.96 27.11
CA GLN B 175 3.71 -22.84 25.77
C GLN B 175 2.41 -22.04 25.84
N GLN B 176 2.24 -21.09 24.93
CA GLN B 176 1.02 -20.28 24.87
C GLN B 176 0.50 -20.29 23.43
N ALA B 177 -0.79 -20.57 23.26
CA ALA B 177 -1.35 -20.67 21.94
C ALA B 177 -2.63 -19.85 21.89
N VAL B 178 -2.72 -18.96 20.89
CA VAL B 178 -3.85 -18.08 20.73
C VAL B 178 -4.40 -18.25 19.33
N ILE B 179 -5.72 -18.20 19.22
CA ILE B 179 -6.36 -18.23 17.92
C ILE B 179 -6.96 -16.84 17.63
N PRO B 180 -6.43 -16.16 16.60
CA PRO B 180 -6.91 -14.83 16.21
C PRO B 180 -8.36 -14.97 15.83
N ASN B 181 -9.18 -13.95 16.13
CA ASN B 181 -10.64 -14.05 16.01
C ASN B 181 -11.16 -12.89 15.18
N VAL B 182 -11.52 -13.16 13.93
CA VAL B 182 -12.05 -12.14 13.02
C VAL B 182 -13.49 -11.81 13.44
N GLY B 183 -13.76 -10.54 13.73
CA GLY B 183 -15.05 -10.09 14.23
C GLY B 183 -15.06 -8.61 14.58
N SER B 184 -16.21 -7.93 14.39
CA SER B 184 -16.31 -6.48 14.63
C SER B 184 -16.70 -6.14 16.08
N ARG B 185 -15.80 -5.42 16.77
CA ARG B 185 -16.05 -4.99 18.14
C ARG B 185 -16.39 -3.52 18.14
N PRO B 186 -17.10 -3.03 19.19
CA PRO B 186 -17.48 -1.61 19.29
C PRO B 186 -16.31 -0.69 18.90
N ARG B 187 -16.57 0.25 18.00
CA ARG B 187 -15.50 1.10 17.48
C ARG B 187 -14.82 1.92 18.58
N VAL B 188 -13.49 1.99 18.53
CA VAL B 188 -12.69 2.81 19.42
C VAL B 188 -11.67 3.53 18.54
N ARG B 189 -11.76 4.86 18.46
CA ARG B 189 -10.94 5.66 17.54
C ARG B 189 -11.20 5.22 16.10
N ASN B 190 -12.47 4.89 15.82
CA ASN B 190 -12.90 4.32 14.54
C ASN B 190 -12.19 3.01 14.17
N ILE B 191 -11.99 2.14 15.16
CA ILE B 191 -11.37 0.83 14.91
C ILE B 191 -12.19 -0.29 15.58
N PRO B 192 -12.78 -1.19 14.75
CA PRO B 192 -13.56 -2.33 15.22
C PRO B 192 -12.70 -3.57 15.42
N SER B 193 -11.42 -3.47 15.07
CA SER B 193 -10.44 -4.54 15.29
C SER B 193 -9.71 -4.30 16.62
N ARG B 194 -8.93 -5.29 17.07
CA ARG B 194 -8.29 -5.24 18.39
C ARG B 194 -6.92 -5.92 18.40
N VAL B 195 -6.11 -5.61 19.41
CA VAL B 195 -4.90 -6.39 19.67
C VAL B 195 -4.96 -6.90 21.10
N SER B 196 -4.70 -8.20 21.29
CA SER B 196 -4.59 -8.76 22.62
C SER B 196 -3.11 -8.94 22.97
N ILE B 197 -2.73 -8.48 24.16
CA ILE B 197 -1.35 -8.52 24.64
C ILE B 197 -1.06 -9.71 25.53
N TYR B 198 0.04 -10.42 25.24
CA TYR B 198 0.51 -11.54 26.06
C TYR B 198 1.99 -11.32 26.44
N TRP B 199 2.45 -12.03 27.46
CA TRP B 199 3.83 -11.93 27.89
C TRP B 199 4.47 -13.28 28.17
N THR B 200 5.79 -13.32 28.11
CA THR B 200 6.49 -14.56 28.28
C THR B 200 7.87 -14.28 28.87
N ILE B 201 8.22 -15.03 29.91
CA ILE B 201 9.54 -14.92 30.51
C ILE B 201 10.44 -16.03 30.02
N VAL B 202 11.66 -15.67 29.65
CA VAL B 202 12.63 -16.64 29.19
C VAL B 202 13.77 -16.66 30.19
N LYS B 203 13.98 -17.81 30.84
CA LYS B 203 15.03 -17.94 31.84
C LYS B 203 16.34 -18.20 31.12
N PRO B 204 17.48 -17.98 31.80
CA PRO B 204 18.77 -18.20 31.12
C PRO B 204 18.92 -19.63 30.64
N GLY B 205 19.51 -19.80 29.45
CA GLY B 205 19.68 -21.13 28.88
C GLY B 205 18.42 -21.66 28.23
N ASP B 206 17.32 -20.92 28.36
CA ASP B 206 16.12 -21.30 27.62
C ASP B 206 16.06 -20.47 26.35
N ILE B 207 15.09 -20.76 25.49
CA ILE B 207 15.00 -20.09 24.20
C ILE B 207 13.54 -19.77 23.84
N LEU B 208 13.33 -18.61 23.20
CA LEU B 208 11.99 -18.17 22.82
C LEU B 208 11.77 -18.74 21.44
N LEU B 209 10.61 -19.34 21.22
CA LEU B 209 10.29 -19.96 19.93
C LEU B 209 8.88 -19.51 19.53
N ILE B 210 8.78 -18.80 18.42
CA ILE B 210 7.52 -18.23 17.94
C ILE B 210 7.06 -18.87 16.63
N ASN B 211 5.80 -19.28 16.60
CA ASN B 211 5.17 -19.92 15.45
C ASN B 211 3.92 -19.18 15.01
N SER B 212 3.89 -18.74 13.76
CA SER B 212 2.77 -17.93 13.30
C SER B 212 2.64 -17.90 11.79
N THR B 213 1.40 -17.95 11.31
CA THR B 213 1.13 -17.77 9.89
C THR B 213 0.39 -16.47 9.64
N GLY B 214 0.47 -15.53 10.61
CA GLY B 214 -0.23 -14.25 10.51
C GLY B 214 -0.82 -13.74 11.83
N ASN B 215 -1.25 -12.48 11.84
CA ASN B 215 -1.89 -11.86 13.01
C ASN B 215 -0.93 -11.72 14.18
N LEU B 216 0.35 -12.02 13.95
CA LEU B 216 1.34 -11.86 15.01
C LEU B 216 1.75 -10.41 15.14
N ILE B 217 1.84 -9.97 16.37
CA ILE B 217 2.40 -8.67 16.65
C ILE B 217 3.61 -8.94 17.51
N ALA B 218 4.77 -8.72 16.90
CA ALA B 218 5.98 -9.35 17.37
C ALA B 218 6.66 -8.47 18.40
N PRO B 219 7.52 -9.06 19.23
CA PRO B 219 8.30 -8.19 20.12
C PRO B 219 9.54 -7.68 19.40
N ARG B 220 10.01 -6.51 19.80
CA ARG B 220 11.23 -5.94 19.23
C ARG B 220 12.48 -6.25 20.05
N GLY B 221 12.29 -6.89 21.20
CA GLY B 221 13.36 -7.18 22.12
C GLY B 221 12.76 -7.52 23.47
N TYR B 222 13.52 -7.32 24.54
CA TYR B 222 13.07 -7.73 25.86
C TYR B 222 13.24 -6.65 26.93
N PHE B 223 12.42 -6.73 27.98
CA PHE B 223 12.60 -5.91 29.19
C PHE B 223 13.37 -6.73 30.19
N LYS B 224 14.06 -6.03 31.10
CA LYS B 224 14.75 -6.66 32.21
C LYS B 224 13.90 -6.67 33.47
N ILE B 225 14.10 -7.67 34.32
CA ILE B 225 13.50 -7.65 35.66
C ILE B 225 14.56 -7.30 36.72
N ARG B 226 14.45 -6.08 37.28
CA ARG B 226 15.49 -5.45 38.10
C ARG B 226 15.36 -5.62 39.62
N SER B 227 14.13 -5.76 40.09
CA SER B 227 13.86 -5.70 41.53
C SER B 227 12.58 -6.45 41.88
N GLY B 228 12.41 -6.71 43.17
CA GLY B 228 11.18 -7.30 43.65
C GLY B 228 10.54 -6.36 44.65
N LYS B 229 11.11 -5.16 44.80
CA LYS B 229 10.66 -4.28 45.86
C LYS B 229 10.29 -2.87 45.38
N SER B 230 9.86 -2.76 44.13
CA SER B 230 9.23 -1.54 43.66
C SER B 230 7.72 -1.78 43.59
N SER B 231 6.96 -0.74 43.25
CA SER B 231 5.50 -0.86 43.25
C SER B 231 4.74 0.26 42.51
N ILE B 232 3.41 0.13 42.49
CA ILE B 232 2.58 1.10 41.80
C ILE B 232 1.41 1.53 42.70
N MET B 233 1.03 2.80 42.63
CA MET B 233 -0.05 3.29 43.45
C MET B 233 -0.89 4.22 42.60
N ARG B 234 -2.21 4.07 42.70
CA ARG B 234 -3.17 4.99 42.10
C ARG B 234 -3.37 6.17 43.07
N SER B 235 -3.10 7.39 42.61
CA SER B 235 -3.26 8.55 43.46
C SER B 235 -3.25 9.82 42.64
N ASP B 236 -4.08 10.79 43.02
CA ASP B 236 -4.07 12.08 42.35
C ASP B 236 -3.34 13.09 43.22
N ALA B 237 -2.59 12.60 44.19
CA ALA B 237 -1.91 13.49 45.11
C ALA B 237 -0.71 14.13 44.42
N PRO B 238 -0.49 15.42 44.69
CA PRO B 238 0.64 16.13 44.08
C PRO B 238 1.96 15.67 44.68
N ILE B 239 3.06 16.00 44.04
CA ILE B 239 4.36 15.53 44.50
C ILE B 239 5.23 16.74 44.85
N GLY B 240 5.87 16.67 46.00
CA GLY B 240 6.61 17.83 46.48
C GLY B 240 8.02 17.48 46.92
N LYS B 241 8.75 18.51 47.33
CA LYS B 241 10.10 18.35 47.84
C LYS B 241 10.01 18.28 49.34
N CYS B 242 10.26 17.09 49.86
CA CYS B 242 10.12 16.84 51.28
C CYS B 242 10.69 15.45 51.50
N ASN B 243 10.84 15.09 52.77
CA ASN B 243 11.30 13.75 53.11
C ASN B 243 10.32 13.02 54.02
N SER B 244 10.00 11.79 53.67
CA SER B 244 9.06 10.98 54.43
C SER B 244 9.20 9.54 53.97
N ALA B 245 9.18 8.61 54.91
CA ALA B 245 9.47 7.22 54.59
C ALA B 245 8.23 6.45 54.14
N CYS B 246 7.04 6.94 54.47
CA CYS B 246 5.84 6.20 54.15
C CYS B 246 4.94 7.00 53.18
N ILE B 247 4.49 6.36 52.12
CA ILE B 247 3.66 7.05 51.13
C ILE B 247 2.29 6.38 51.13
N THR B 248 1.24 7.18 51.05
CA THR B 248 -0.14 6.69 50.92
C THR B 248 -0.71 7.42 49.74
N PRO B 249 -1.87 6.95 49.23
CA PRO B 249 -2.45 7.66 48.08
C PRO B 249 -2.96 9.04 48.48
N ASN B 250 -3.03 9.27 49.79
CA ASN B 250 -3.45 10.54 50.34
C ASN B 250 -2.26 11.41 50.70
N GLY B 251 -1.06 10.97 50.38
CA GLY B 251 0.11 11.78 50.63
C GLY B 251 1.06 11.04 51.53
N SER B 252 2.26 11.58 51.72
CA SER B 252 3.22 10.95 52.61
C SER B 252 2.85 11.19 54.07
N ILE B 253 3.28 10.28 54.94
CA ILE B 253 3.11 10.43 56.39
C ILE B 253 4.38 9.93 57.07
N PRO B 254 4.63 10.38 58.32
CA PRO B 254 5.85 9.93 59.00
C PRO B 254 5.70 8.56 59.66
N ASN B 255 6.82 7.90 59.92
CA ASN B 255 6.81 6.54 60.48
C ASN B 255 7.21 6.56 61.95
N ASP B 256 6.34 7.11 62.79
CA ASP B 256 6.68 7.28 64.19
C ASP B 256 5.67 6.56 65.08
N LYS B 257 4.42 6.47 64.64
CA LYS B 257 3.39 5.79 65.43
C LYS B 257 3.21 4.33 65.01
N PRO B 258 2.73 3.49 65.93
CA PRO B 258 2.52 2.06 65.65
C PRO B 258 1.38 1.84 64.68
N PHE B 259 0.53 2.84 64.58
CA PHE B 259 -0.63 2.72 63.73
C PHE B 259 -0.86 3.96 62.87
N GLN B 260 -1.83 3.85 61.96
CA GLN B 260 -2.07 4.81 60.90
C GLN B 260 -3.46 4.51 60.36
N ASN B 261 -4.28 5.54 60.14
CA ASN B 261 -5.62 5.30 59.58
C ASN B 261 -5.88 6.17 58.34
N VAL B 262 -4.80 6.54 57.66
CA VAL B 262 -4.87 7.33 56.43
C VAL B 262 -5.29 6.50 55.21
N ASN B 263 -4.67 5.33 55.01
CA ASN B 263 -5.06 4.46 53.89
C ASN B 263 -4.63 3.02 54.06
N ARG B 264 -5.51 2.11 53.63
CA ARG B 264 -5.23 0.67 53.64
C ARG B 264 -3.95 0.41 52.81
N ILE B 265 -3.75 1.24 51.78
CA ILE B 265 -2.63 1.09 50.84
C ILE B 265 -1.49 2.04 51.17
N THR B 266 -0.28 1.50 51.34
CA THR B 266 0.90 2.28 51.69
C THR B 266 2.12 1.69 50.97
N TYR B 267 3.20 2.47 50.90
CA TYR B 267 4.49 2.01 50.36
C TYR B 267 5.61 2.55 51.23
N GLY B 268 6.55 1.68 51.60
CA GLY B 268 7.69 2.12 52.40
C GLY B 268 7.63 1.66 53.83
N ALA B 269 8.38 2.30 54.71
CA ALA B 269 8.34 1.96 56.13
C ALA B 269 7.17 2.68 56.76
N CYS B 270 6.14 1.94 57.16
CA CYS B 270 4.87 2.55 57.55
C CYS B 270 4.29 2.01 58.85
N PRO B 271 3.48 2.82 59.53
CA PRO B 271 2.72 2.24 60.64
C PRO B 271 1.72 1.24 60.07
N ARG B 272 1.32 0.24 60.85
CA ARG B 272 0.29 -0.70 60.42
C ARG B 272 -1.06 0.01 60.32
N TYR B 273 -1.84 -0.30 59.31
CA TYR B 273 -3.16 0.31 59.18
C TYR B 273 -4.11 -0.23 60.25
N SER B 274 -4.97 0.65 60.78
CA SER B 274 -5.89 0.25 61.84
C SER B 274 -7.31 0.72 61.63
N LYS B 275 -7.52 2.04 61.76
CA LYS B 275 -8.86 2.66 61.78
C LYS B 275 -9.62 2.37 63.07
N GLY C 4 74.05 26.41 19.50
CA GLY C 4 74.22 26.00 20.88
C GLY C 4 73.00 25.29 21.45
N SER C 5 73.21 24.55 22.53
CA SER C 5 72.15 23.79 23.19
C SER C 5 71.62 24.53 24.43
N GLU C 6 72.31 25.60 24.82
CA GLU C 6 71.86 26.44 25.92
C GLU C 6 70.82 27.49 25.47
N LEU C 7 70.66 27.61 24.16
CA LEU C 7 69.67 28.53 23.58
C LEU C 7 68.43 27.77 23.12
N VAL C 8 68.53 26.45 23.04
CA VAL C 8 67.45 25.65 22.48
C VAL C 8 66.86 24.72 23.48
N GLN C 9 65.54 24.63 23.48
CA GLN C 9 64.89 23.75 24.41
C GLN C 9 64.28 22.54 23.72
N SER C 10 64.61 21.36 24.23
CA SER C 10 64.26 20.13 23.55
C SER C 10 63.45 19.13 24.39
N SER C 11 63.40 19.33 25.70
CA SER C 11 62.72 18.38 26.57
C SER C 11 61.36 18.88 27.06
N SER C 12 60.56 17.92 27.51
CA SER C 12 59.33 18.15 28.25
C SER C 12 59.05 16.85 28.98
N THR C 13 58.33 16.94 30.09
CA THR C 13 57.93 15.75 30.84
C THR C 13 57.00 14.93 29.94
N GLY C 14 56.31 15.62 29.03
CA GLY C 14 55.32 15.03 28.16
C GLY C 14 53.92 15.41 28.64
N GLU C 15 53.87 16.07 29.79
CA GLU C 15 52.61 16.50 30.39
C GLU C 15 52.34 17.97 30.08
N ILE C 16 51.06 18.33 30.05
CA ILE C 16 50.63 19.72 29.86
C ILE C 16 50.22 20.35 31.19
N CYS C 17 50.69 21.57 31.44
CA CYS C 17 50.36 22.22 32.70
C CYS C 17 49.08 23.03 32.57
N ASN C 18 48.17 22.83 33.53
CA ASN C 18 46.86 23.48 33.52
C ASN C 18 46.84 24.95 33.97
N SER C 19 48.00 25.50 34.30
CA SER C 19 48.05 26.88 34.75
C SER C 19 49.13 27.62 33.99
N PRO C 20 48.96 28.94 33.80
CA PRO C 20 47.84 29.81 34.21
C PRO C 20 46.80 30.02 33.13
N HIS C 21 46.81 29.19 32.09
CA HIS C 21 45.81 29.32 31.02
C HIS C 21 44.61 28.40 31.27
N GLN C 22 43.41 28.93 31.03
CA GLN C 22 42.18 28.17 31.21
C GLN C 22 42.11 27.10 30.12
N ILE C 23 42.27 25.84 30.51
CA ILE C 23 42.35 24.74 29.54
C ILE C 23 41.13 23.81 29.61
N LEU C 24 40.59 23.40 28.47
CA LEU C 24 39.43 22.53 28.43
C LEU C 24 39.74 21.26 27.64
N ASP C 25 39.73 20.11 28.34
CA ASP C 25 40.03 18.81 27.74
C ASP C 25 38.76 18.23 27.13
N GLY C 26 38.75 18.05 25.81
CA GLY C 26 37.56 17.59 25.12
C GLY C 26 37.15 16.16 25.41
N GLU C 27 38.11 15.38 25.91
CA GLU C 27 37.91 13.95 26.08
C GLU C 27 37.35 13.30 24.82
N ASN C 28 36.13 12.77 24.93
CA ASN C 28 35.52 12.06 23.81
C ASN C 28 34.95 12.96 22.72
N CYS C 29 34.85 14.24 23.05
CA CYS C 29 34.18 15.24 22.22
C CYS C 29 35.13 16.17 21.49
N THR C 30 34.85 16.38 20.21
CA THR C 30 35.47 17.44 19.44
C THR C 30 34.79 18.78 19.72
N LEU C 31 35.39 19.88 19.27
CA LEU C 31 34.78 21.18 19.52
C LEU C 31 33.45 21.33 18.77
N ILE C 32 33.41 20.83 17.55
CA ILE C 32 32.20 20.94 16.73
C ILE C 32 31.03 20.18 17.37
N ASP C 33 31.30 19.00 17.92
CA ASP C 33 30.26 18.21 18.59
C ASP C 33 29.73 18.94 19.84
N ALA C 34 30.63 19.58 20.60
CA ALA C 34 30.20 20.35 21.76
C ALA C 34 29.43 21.60 21.34
N LEU C 35 29.67 22.04 20.12
CA LEU C 35 29.02 23.23 19.63
C LEU C 35 27.59 22.85 19.28
N LEU C 36 27.43 21.83 18.43
CA LEU C 36 26.13 21.37 17.95
C LEU C 36 25.26 20.84 19.08
N GLY C 37 25.88 20.13 20.02
CA GLY C 37 25.18 19.59 21.16
C GLY C 37 25.03 18.08 21.12
N ASP C 38 26.11 17.38 20.79
CA ASP C 38 26.16 15.93 20.85
C ASP C 38 25.99 15.51 22.32
N PRO C 39 25.28 14.40 22.55
CA PRO C 39 24.91 14.00 23.91
C PRO C 39 26.06 13.64 24.88
N GLN C 40 27.25 13.28 24.41
CA GLN C 40 28.37 13.06 25.33
C GLN C 40 28.92 14.41 25.77
N CYS C 41 28.56 15.45 25.02
CA CYS C 41 29.28 16.71 25.07
C CYS C 41 28.41 17.78 25.71
N ASP C 42 27.41 17.31 26.45
CA ASP C 42 26.42 18.17 27.08
C ASP C 42 27.01 18.99 28.22
N GLY C 43 28.05 18.43 28.85
CA GLY C 43 28.73 19.11 29.94
C GLY C 43 29.54 20.33 29.51
N PHE C 44 29.72 20.51 28.21
CA PHE C 44 30.53 21.60 27.71
C PHE C 44 29.72 22.87 27.49
N GLN C 45 28.42 22.82 27.78
CA GLN C 45 27.55 23.95 27.47
C GLN C 45 28.02 25.22 28.14
N ASN C 46 28.15 26.27 27.34
CA ASN C 46 28.52 27.60 27.81
C ASN C 46 29.88 27.68 28.52
N LYS C 47 30.75 26.70 28.26
CA LYS C 47 32.10 26.73 28.79
C LYS C 47 32.93 27.76 28.02
N LYS C 48 33.97 28.28 28.67
CA LYS C 48 34.88 29.22 28.04
C LYS C 48 36.29 28.64 28.23
N TRP C 49 37.24 29.11 27.44
CA TRP C 49 38.59 28.57 27.49
C TRP C 49 39.62 29.46 26.79
N ASP C 50 40.86 29.40 27.26
CA ASP C 50 41.98 29.99 26.55
C ASP C 50 42.50 28.97 25.54
N LEU C 51 42.62 27.71 25.97
CA LEU C 51 43.05 26.65 25.07
C LEU C 51 42.17 25.39 25.18
N PHE C 52 41.68 24.92 24.04
CA PHE C 52 40.86 23.72 23.97
C PHE C 52 41.73 22.58 23.43
N VAL C 53 41.75 21.45 24.15
CA VAL C 53 42.60 20.33 23.75
C VAL C 53 41.78 19.15 23.22
N GLU C 54 41.88 18.89 21.93
CA GLU C 54 41.21 17.73 21.32
C GLU C 54 42.01 16.43 21.50
N ARG C 55 41.32 15.30 21.57
CA ARG C 55 41.97 14.01 21.76
C ARG C 55 41.77 13.15 20.51
N SER C 56 42.68 12.21 20.27
CA SER C 56 42.63 11.41 19.04
C SER C 56 41.49 10.41 19.06
N LYS C 57 41.09 10.04 20.28
CA LYS C 57 40.03 9.07 20.54
C LYS C 57 38.62 9.63 20.30
N ALA C 58 38.53 10.93 20.08
CA ALA C 58 37.24 11.60 19.93
C ALA C 58 36.39 11.00 18.81
N HIS C 59 35.12 10.76 19.11
CA HIS C 59 34.21 10.13 18.16
C HIS C 59 32.85 10.82 18.14
N SER C 60 32.13 10.71 17.04
CA SER C 60 30.79 11.29 16.95
C SER C 60 29.75 10.28 17.46
N ASN C 61 28.75 10.77 18.19
CA ASN C 61 27.72 9.90 18.76
C ASN C 61 26.27 10.42 18.61
N CYS C 62 25.95 11.00 17.45
CA CYS C 62 24.62 11.57 17.19
C CYS C 62 24.20 11.30 15.72
N TYR C 63 23.41 12.18 15.11
CA TYR C 63 23.04 12.00 13.70
C TYR C 63 24.29 12.13 12.79
N PRO C 64 24.39 11.27 11.76
CA PRO C 64 25.54 11.42 10.87
C PRO C 64 25.53 12.78 10.16
N TYR C 65 26.62 13.54 10.28
CA TYR C 65 26.68 14.86 9.68
C TYR C 65 28.02 15.15 8.98
N ASP C 66 27.99 16.18 8.14
CA ASP C 66 29.18 16.72 7.51
C ASP C 66 29.14 18.25 7.59
N VAL C 67 30.31 18.89 7.72
CA VAL C 67 30.41 20.35 7.68
C VAL C 67 31.30 20.75 6.51
N PRO C 68 30.69 21.23 5.41
CA PRO C 68 31.43 21.60 4.19
C PRO C 68 32.63 22.53 4.42
N ASP C 69 32.52 23.46 5.36
CA ASP C 69 33.64 24.34 5.66
C ASP C 69 34.11 24.13 7.10
N TYR C 70 34.31 22.86 7.42
CA TYR C 70 34.70 22.41 8.74
C TYR C 70 35.80 23.24 9.40
N ALA C 71 37.00 23.21 8.80
CA ALA C 71 38.19 23.84 9.37
C ALA C 71 37.95 25.29 9.74
N SER C 72 37.33 26.05 8.85
CA SER C 72 37.08 27.47 9.11
C SER C 72 36.21 27.64 10.36
N LEU C 73 35.10 26.90 10.42
CA LEU C 73 34.22 26.92 11.60
C LEU C 73 34.92 26.50 12.89
N ARG C 74 35.63 25.38 12.83
CA ARG C 74 36.37 24.86 13.97
C ARG C 74 37.37 25.88 14.46
N SER C 75 37.99 26.60 13.51
CA SER C 75 39.05 27.55 13.86
C SER C 75 38.42 28.84 14.37
N LEU C 76 37.38 29.29 13.68
CA LEU C 76 36.59 30.45 14.10
C LEU C 76 36.19 30.29 15.57
N VAL C 77 35.51 29.18 15.88
CA VAL C 77 34.98 28.95 17.23
C VAL C 77 36.10 28.87 18.26
N ALA C 78 37.23 28.30 17.89
CA ALA C 78 38.37 28.25 18.80
C ALA C 78 38.84 29.65 19.22
N SER C 79 39.03 30.53 18.23
CA SER C 79 39.53 31.89 18.48
C SER C 79 38.62 32.66 19.42
N SER C 80 37.31 32.47 19.27
CA SER C 80 36.33 33.16 20.07
C SER C 80 36.42 32.79 21.55
N GLY C 81 36.60 31.50 21.81
CA GLY C 81 36.85 31.01 23.17
C GLY C 81 35.63 30.87 24.07
N THR C 82 34.46 30.65 23.48
CA THR C 82 33.25 30.48 24.27
C THR C 82 32.21 29.62 23.55
N LEU C 83 31.36 28.96 24.33
CA LEU C 83 30.18 28.27 23.80
C LEU C 83 28.88 28.85 24.37
N GLU C 84 28.95 30.07 24.89
CA GLU C 84 27.78 30.77 25.40
C GLU C 84 26.72 30.76 24.33
N PHE C 85 25.62 30.08 24.60
CA PHE C 85 24.51 29.97 23.67
C PHE C 85 23.31 30.71 24.26
N ASN C 86 22.50 31.31 23.41
CA ASN C 86 21.28 31.98 23.85
C ASN C 86 20.04 31.53 23.08
N ASN C 87 19.06 30.99 23.80
CA ASN C 87 17.83 30.54 23.18
C ASN C 87 17.03 31.72 22.64
N GLU C 88 16.32 31.52 21.54
CA GLU C 88 15.48 32.55 20.94
C GLU C 88 14.15 31.96 20.47
N SER C 89 13.13 32.80 20.45
CA SER C 89 11.79 32.34 20.13
C SER C 89 11.46 32.63 18.68
N PHE C 90 11.81 31.68 17.82
CA PHE C 90 11.39 31.77 16.44
C PHE C 90 9.90 31.45 16.46
N ASN C 91 9.17 31.94 15.47
CA ASN C 91 7.76 31.57 15.36
C ASN C 91 7.63 30.37 14.43
N TRP C 92 7.76 29.17 14.99
CA TRP C 92 7.65 27.96 14.18
C TRP C 92 6.19 27.56 14.11
N THR C 93 5.44 28.32 13.34
CA THR C 93 4.02 28.11 13.16
C THR C 93 3.80 27.29 11.90
N GLY C 94 3.02 26.21 12.01
CA GLY C 94 2.72 25.40 10.85
C GLY C 94 3.54 24.13 10.72
N VAL C 95 4.49 23.91 11.63
CA VAL C 95 5.37 22.75 11.58
C VAL C 95 5.52 22.08 12.95
N THR C 96 5.95 20.81 12.95
CA THR C 96 6.17 20.07 14.19
C THR C 96 7.63 20.16 14.59
N GLN C 97 7.89 20.38 15.87
CA GLN C 97 9.24 20.67 16.31
C GLN C 97 9.89 19.47 16.97
N ASN C 98 11.18 19.59 17.24
CA ASN C 98 11.89 18.63 18.08
C ASN C 98 11.91 17.22 17.51
N GLY C 99 12.14 17.09 16.21
CA GLY C 99 12.32 15.77 15.64
C GLY C 99 13.50 15.09 16.33
N THR C 100 13.42 13.77 16.49
CA THR C 100 14.46 13.00 17.16
C THR C 100 14.84 11.75 16.37
N SER C 101 15.87 11.04 16.83
CA SER C 101 16.36 9.87 16.12
C SER C 101 16.96 8.83 17.05
N SER C 102 16.85 7.56 16.65
CA SER C 102 17.53 6.50 17.38
C SER C 102 19.07 6.56 17.21
N ALA C 103 19.54 7.42 16.31
CA ALA C 103 20.97 7.64 16.14
C ALA C 103 21.57 8.55 17.21
N CYS C 104 20.77 9.45 17.77
CA CYS C 104 21.24 10.36 18.81
C CYS C 104 20.58 9.99 20.13
N ILE C 105 21.22 9.10 20.89
CA ILE C 105 20.63 8.60 22.12
C ILE C 105 21.07 9.49 23.29
N ARG C 106 20.12 9.84 24.15
CA ARG C 106 20.34 10.71 25.31
C ARG C 106 19.46 10.20 26.45
N ARG C 107 20.08 9.73 27.54
CA ARG C 107 19.37 9.08 28.63
C ARG C 107 18.59 7.88 28.13
N SER C 108 19.19 7.14 27.19
CA SER C 108 18.57 5.97 26.57
C SER C 108 17.34 6.31 25.69
N ASN C 109 16.95 7.57 25.65
CA ASN C 109 15.81 8.04 24.85
C ASN C 109 16.26 8.71 23.55
N ASN C 110 15.61 8.40 22.44
CA ASN C 110 15.86 9.12 21.18
C ASN C 110 15.91 10.64 21.36
N SER C 111 16.95 11.26 20.80
CA SER C 111 17.13 12.71 20.91
C SER C 111 17.71 13.27 19.62
N PHE C 112 18.38 14.41 19.73
CA PHE C 112 18.97 15.08 18.57
C PHE C 112 20.01 16.04 19.09
N PHE C 113 20.70 16.74 18.18
CA PHE C 113 21.68 17.74 18.59
C PHE C 113 20.98 18.76 19.47
N SER C 114 21.56 19.04 20.63
CA SER C 114 20.89 19.85 21.62
C SER C 114 20.61 21.27 21.14
N ARG C 115 21.39 21.74 20.17
CA ARG C 115 21.29 23.14 19.79
C ARG C 115 20.56 23.35 18.47
N LEU C 116 20.06 22.26 17.89
CA LEU C 116 19.38 22.30 16.59
C LEU C 116 17.93 21.84 16.74
N ASN C 117 17.08 22.19 15.78
CA ASN C 117 15.65 21.91 15.90
C ASN C 117 15.10 21.32 14.61
N TRP C 118 14.76 20.04 14.66
CA TRP C 118 14.35 19.29 13.49
C TRP C 118 12.86 19.45 13.24
N LEU C 119 12.54 20.20 12.19
CA LEU C 119 11.16 20.49 11.85
C LEU C 119 10.60 19.44 10.88
N THR C 120 9.39 18.98 11.16
CA THR C 120 8.69 18.10 10.23
C THR C 120 7.30 18.68 9.98
N HIS C 121 6.54 18.03 9.10
CA HIS C 121 5.22 18.53 8.71
C HIS C 121 4.23 18.49 9.87
N LEU C 122 3.17 19.30 9.76
CA LEU C 122 2.07 19.27 10.72
C LEU C 122 0.77 19.11 9.95
N ASN C 123 0.01 18.07 10.29
CA ASN C 123 -1.22 17.75 9.55
C ASN C 123 -1.04 17.73 8.03
N PHE C 124 0.11 17.24 7.58
CA PHE C 124 0.39 17.00 6.18
C PHE C 124 0.49 18.28 5.38
N LYS C 125 1.02 19.31 6.01
CA LYS C 125 1.34 20.57 5.35
C LYS C 125 2.68 21.04 5.90
N TYR C 126 3.48 21.63 5.03
CA TYR C 126 4.71 22.28 5.46
C TYR C 126 4.71 23.56 4.66
N PRO C 127 4.24 24.65 5.28
CA PRO C 127 4.12 25.92 4.57
C PRO C 127 5.49 26.42 4.16
N ALA C 128 5.51 27.36 3.23
CA ALA C 128 6.74 28.04 2.87
C ALA C 128 7.10 28.96 4.03
N LEU C 129 8.20 28.66 4.70
CA LEU C 129 8.66 29.49 5.81
C LEU C 129 9.26 30.81 5.35
N ASN C 130 8.81 31.88 5.98
CA ASN C 130 9.32 33.23 5.73
C ASN C 130 9.50 33.84 7.10
N VAL C 131 10.57 33.42 7.78
CA VAL C 131 10.76 33.78 9.18
C VAL C 131 12.00 34.66 9.35
N THR C 132 11.93 35.60 10.29
CA THR C 132 12.98 36.58 10.48
C THR C 132 13.38 36.69 11.94
N MET C 133 14.62 37.04 12.19
CA MET C 133 15.08 37.23 13.55
C MET C 133 16.13 38.33 13.53
N PRO C 134 15.78 39.51 14.05
CA PRO C 134 16.63 40.70 13.98
C PRO C 134 17.69 40.74 15.06
N ASN C 135 18.88 41.23 14.72
CA ASN C 135 19.92 41.46 15.71
C ASN C 135 19.86 42.90 16.20
N ASN C 136 19.33 43.08 17.40
CA ASN C 136 19.18 44.41 17.96
C ASN C 136 20.15 44.61 19.11
N GLU C 137 20.96 43.58 19.36
CA GLU C 137 21.97 43.61 20.40
C GLU C 137 23.18 44.40 19.94
N GLN C 138 24.15 44.61 20.83
CA GLN C 138 25.35 45.32 20.44
C GLN C 138 26.31 44.38 19.74
N PHE C 139 26.27 43.12 20.10
CA PHE C 139 27.27 42.20 19.59
C PHE C 139 26.79 41.42 18.38
N ASP C 140 27.71 40.65 17.81
CA ASP C 140 27.39 39.83 16.66
C ASP C 140 26.71 38.55 17.14
N LYS C 141 25.86 37.96 16.31
CA LYS C 141 25.24 36.68 16.63
C LYS C 141 25.78 35.61 15.68
N LEU C 142 26.09 34.43 16.22
CA LEU C 142 26.52 33.28 15.42
C LEU C 142 25.42 32.22 15.43
N TYR C 143 24.84 31.97 14.26
CA TYR C 143 23.77 31.00 14.10
C TYR C 143 24.27 29.73 13.44
N ILE C 144 23.98 28.58 14.04
CA ILE C 144 24.31 27.31 13.43
C ILE C 144 23.02 26.59 12.99
N TRP C 145 23.00 26.16 11.73
CA TRP C 145 21.84 25.49 11.18
C TRP C 145 22.29 24.38 10.24
N GLY C 146 21.34 23.64 9.67
CA GLY C 146 21.68 22.50 8.84
C GLY C 146 20.61 22.14 7.83
N VAL C 147 20.99 21.26 6.91
CA VAL C 147 20.09 20.80 5.85
C VAL C 147 20.09 19.27 5.89
N HIS C 148 18.90 18.69 5.78
CA HIS C 148 18.72 17.25 5.96
C HIS C 148 18.63 16.54 4.62
N HIS C 149 19.46 15.53 4.44
CA HIS C 149 19.48 14.73 3.20
C HIS C 149 19.01 13.31 3.51
N PRO C 150 17.72 13.03 3.31
CA PRO C 150 17.08 11.76 3.60
C PRO C 150 17.57 10.67 2.67
N GLY C 151 17.49 9.42 3.11
CA GLY C 151 17.94 8.30 2.30
C GLY C 151 17.04 8.01 1.11
N THR C 152 15.74 8.16 1.30
CA THR C 152 14.80 7.80 0.24
C THR C 152 13.72 8.85 0.05
N ASP C 153 13.02 8.75 -1.08
CA ASP C 153 11.90 9.65 -1.32
C ASP C 153 10.76 9.38 -0.34
N LYS C 154 10.62 8.13 0.07
CA LYS C 154 9.60 7.76 1.03
C LYS C 154 9.84 8.53 2.33
N ASP C 155 11.09 8.61 2.75
CA ASP C 155 11.45 9.39 3.94
C ASP C 155 11.17 10.89 3.74
N GLN C 156 11.51 11.41 2.57
CA GLN C 156 11.28 12.82 2.27
C GLN C 156 9.78 13.21 2.41
N ILE C 157 8.88 12.40 1.86
CA ILE C 157 7.46 12.70 1.93
C ILE C 157 6.94 12.50 3.36
N PHE C 158 7.44 11.48 4.05
CA PHE C 158 7.08 11.22 5.43
C PHE C 158 7.41 12.41 6.35
N LEU C 159 8.52 13.07 6.07
CA LEU C 159 9.02 14.11 6.94
C LEU C 159 8.45 15.49 6.56
N TYR C 160 8.39 15.79 5.26
CA TYR C 160 8.11 17.15 4.82
C TYR C 160 6.86 17.27 3.91
N ALA C 161 6.27 16.14 3.54
CA ALA C 161 5.03 16.11 2.75
C ALA C 161 5.13 16.74 1.35
N GLN C 162 6.35 17.00 0.88
CA GLN C 162 6.57 17.46 -0.47
C GLN C 162 7.99 17.12 -0.89
N ALA C 163 8.28 17.21 -2.18
CA ALA C 163 9.62 16.88 -2.66
C ALA C 163 10.59 17.97 -2.19
N ALA C 164 11.89 17.69 -2.30
CA ALA C 164 12.90 18.58 -1.75
C ALA C 164 13.00 19.85 -2.57
N GLY C 165 13.13 21.00 -1.89
CA GLY C 165 13.29 22.28 -2.55
C GLY C 165 14.41 23.12 -1.96
N ARG C 166 14.64 24.31 -2.49
CA ARG C 166 15.78 25.13 -2.07
C ARG C 166 15.57 25.74 -0.68
N ILE C 167 16.64 25.77 0.10
CA ILE C 167 16.65 26.48 1.38
C ILE C 167 17.51 27.72 1.23
N THR C 168 16.99 28.86 1.67
CA THR C 168 17.74 30.11 1.59
C THR C 168 17.85 30.78 2.95
N VAL C 169 19.09 30.95 3.39
CA VAL C 169 19.39 31.69 4.61
C VAL C 169 20.19 32.91 4.16
N SER C 170 19.61 34.10 4.35
CA SER C 170 20.24 35.32 3.90
C SER C 170 20.25 36.41 4.96
N THR C 171 21.14 37.37 4.76
CA THR C 171 21.22 38.61 5.54
C THR C 171 21.27 39.75 4.53
N LYS C 172 21.42 40.99 4.99
CA LYS C 172 21.64 42.09 4.06
C LYS C 172 22.98 41.92 3.35
N ARG C 173 23.93 41.28 4.03
CA ARG C 173 25.28 41.15 3.51
C ARG C 173 25.52 39.88 2.68
N SER C 174 24.74 38.83 2.92
CA SER C 174 25.02 37.56 2.28
C SER C 174 23.76 36.70 2.12
N GLN C 175 23.90 35.67 1.30
CA GLN C 175 22.82 34.73 1.05
C GLN C 175 23.48 33.37 0.88
N GLN C 176 22.92 32.37 1.54
CA GLN C 176 23.41 31.01 1.41
C GLN C 176 22.23 30.17 0.97
N ALA C 177 22.44 29.38 -0.07
CA ALA C 177 21.37 28.63 -0.67
C ALA C 177 21.82 27.21 -0.89
N VAL C 178 21.06 26.26 -0.39
CA VAL C 178 21.43 24.85 -0.50
C VAL C 178 20.27 24.04 -1.07
N ILE C 179 20.60 23.08 -1.93
CA ILE C 179 19.60 22.17 -2.45
C ILE C 179 19.76 20.80 -1.80
N PRO C 180 18.74 20.39 -1.02
CA PRO C 180 18.71 19.09 -0.33
C PRO C 180 18.81 17.97 -1.35
N ASN C 181 19.47 16.88 -1.00
CA ASN C 181 19.77 15.82 -1.94
C ASN C 181 19.31 14.48 -1.43
N VAL C 182 18.17 14.01 -1.93
CA VAL C 182 17.68 12.72 -1.52
C VAL C 182 18.57 11.66 -2.14
N GLY C 183 19.15 10.81 -1.31
CA GLY C 183 20.05 9.79 -1.78
C GLY C 183 20.57 8.97 -0.62
N SER C 184 20.67 7.65 -0.84
CA SER C 184 21.06 6.74 0.22
C SER C 184 22.58 6.63 0.30
N ARG C 185 23.15 7.13 1.39
CA ARG C 185 24.59 7.10 1.60
C ARG C 185 24.87 6.00 2.65
N PRO C 186 26.09 5.42 2.65
CA PRO C 186 26.44 4.29 3.54
C PRO C 186 25.90 4.42 4.98
N ARG C 187 25.31 3.35 5.50
CA ARG C 187 24.69 3.39 6.83
C ARG C 187 25.69 3.75 7.92
N VAL C 188 25.27 4.64 8.81
CA VAL C 188 26.06 4.97 9.98
C VAL C 188 25.07 5.00 11.14
N ARG C 189 25.20 4.04 12.05
CA ARG C 189 24.24 3.85 13.15
C ARG C 189 22.83 3.56 12.65
N ASN C 190 22.75 2.75 11.60
CA ASN C 190 21.50 2.48 10.88
C ASN C 190 20.87 3.77 10.31
N ILE C 191 21.70 4.70 9.82
CA ILE C 191 21.17 5.90 9.19
C ILE C 191 21.87 6.21 7.86
N PRO C 192 21.13 6.06 6.75
CA PRO C 192 21.60 6.35 5.39
C PRO C 192 21.35 7.81 4.99
N SER C 193 20.72 8.57 5.88
CA SER C 193 20.52 9.98 5.66
C SER C 193 21.69 10.74 6.27
N ARG C 194 21.81 12.03 5.95
CA ARG C 194 22.93 12.83 6.46
C ARG C 194 22.45 14.23 6.76
N VAL C 195 23.20 14.95 7.59
CA VAL C 195 22.91 16.36 7.84
C VAL C 195 24.14 17.20 7.50
N SER C 196 23.95 18.24 6.69
CA SER C 196 25.05 19.14 6.36
C SER C 196 24.94 20.41 7.18
N ILE C 197 26.02 20.78 7.86
CA ILE C 197 25.98 21.93 8.74
C ILE C 197 26.52 23.17 8.06
N TYR C 198 25.79 24.27 8.16
CA TYR C 198 26.26 25.53 7.63
C TYR C 198 26.20 26.54 8.76
N TRP C 199 26.90 27.65 8.64
CA TRP C 199 26.82 28.66 9.69
C TRP C 199 26.67 30.03 9.06
N THR C 200 26.18 30.98 9.85
CA THR C 200 25.89 32.32 9.36
C THR C 200 26.01 33.31 10.51
N ILE C 201 26.75 34.40 10.27
CA ILE C 201 26.93 35.43 11.29
C ILE C 201 26.06 36.63 10.99
N VAL C 202 25.35 37.14 11.99
CA VAL C 202 24.46 38.29 11.77
C VAL C 202 24.96 39.48 12.61
N LYS C 203 25.33 40.56 11.92
CA LYS C 203 25.87 41.76 12.59
C LYS C 203 24.70 42.58 13.11
N PRO C 204 24.96 43.46 14.09
CA PRO C 204 23.87 44.28 14.65
C PRO C 204 23.19 45.14 13.58
N GLY C 205 21.87 45.31 13.70
CA GLY C 205 21.12 46.09 12.73
C GLY C 205 20.86 45.30 11.46
N ASP C 206 21.45 44.11 11.37
CA ASP C 206 21.19 43.20 10.28
C ASP C 206 20.09 42.26 10.77
N ILE C 207 19.58 41.43 9.89
CA ILE C 207 18.46 40.58 10.26
C ILE C 207 18.61 39.22 9.57
N LEU C 208 18.23 38.16 10.29
CA LEU C 208 18.34 36.79 9.79
C LEU C 208 17.03 36.40 9.10
N LEU C 209 17.16 35.83 7.91
CA LEU C 209 16.00 35.47 7.07
C LEU C 209 16.14 34.05 6.54
N ILE C 210 15.15 33.21 6.83
CA ILE C 210 15.17 31.81 6.42
C ILE C 210 14.02 31.44 5.42
N ASN C 211 14.34 30.87 4.24
CA ASN C 211 13.31 30.39 3.28
C ASN C 211 13.35 28.88 3.30
N SER C 212 12.22 28.23 3.54
CA SER C 212 12.26 26.77 3.59
C SER C 212 10.92 26.12 3.34
N THR C 213 10.94 25.10 2.51
CA THR C 213 9.77 24.29 2.28
C THR C 213 9.99 22.87 2.81
N GLY C 214 10.99 22.71 3.67
CA GLY C 214 11.35 21.41 4.21
C GLY C 214 12.85 21.21 4.30
N ASN C 215 13.26 20.13 4.96
CA ASN C 215 14.66 19.73 5.09
C ASN C 215 15.53 20.68 5.94
N LEU C 216 14.89 21.65 6.57
CA LEU C 216 15.60 22.60 7.42
C LEU C 216 15.85 22.03 8.81
N ILE C 217 17.08 22.16 9.28
CA ILE C 217 17.36 21.83 10.65
C ILE C 217 17.74 23.13 11.31
N ALA C 218 16.84 23.60 12.15
CA ALA C 218 16.80 25.00 12.52
C ALA C 218 17.65 25.23 13.75
N PRO C 219 18.06 26.48 13.98
CA PRO C 219 18.79 26.78 15.20
C PRO C 219 17.80 27.11 16.32
N ARG C 220 18.19 26.92 17.56
CA ARG C 220 17.33 27.27 18.67
C ARG C 220 17.71 28.67 19.17
N GLY C 221 18.79 29.20 18.60
CA GLY C 221 19.33 30.48 19.01
C GLY C 221 20.73 30.69 18.48
N TYR C 222 21.52 31.51 19.18
CA TYR C 222 22.85 31.87 18.69
C TYR C 222 23.95 31.72 19.72
N PHE C 223 25.16 31.54 19.24
CA PHE C 223 26.34 31.60 20.08
C PHE C 223 26.86 33.02 20.00
N LYS C 224 27.61 33.47 21.00
CA LYS C 224 28.23 34.78 20.89
C LYS C 224 29.59 34.54 20.27
N ILE C 225 29.99 35.40 19.34
CA ILE C 225 31.30 35.31 18.73
C ILE C 225 32.16 36.49 19.06
N ARG C 226 33.47 36.32 18.97
CA ARG C 226 34.36 37.45 19.23
C ARG C 226 35.76 37.25 18.70
N SER C 227 36.23 38.19 17.88
CA SER C 227 37.59 38.14 17.43
C SER C 227 38.33 38.09 18.74
N GLY C 228 39.26 37.17 18.86
CA GLY C 228 39.91 36.98 20.13
C GLY C 228 41.03 36.04 19.89
N LYS C 229 41.68 35.66 20.96
CA LYS C 229 42.96 34.99 20.85
C LYS C 229 42.96 33.71 21.63
N SER C 230 41.87 33.00 21.63
CA SER C 230 41.87 31.72 22.30
C SER C 230 42.25 30.75 21.20
N SER C 231 42.39 29.47 21.52
CA SER C 231 42.83 28.53 20.48
C SER C 231 42.51 27.07 20.78
N ILE C 232 42.88 26.21 19.84
CA ILE C 232 42.63 24.78 19.92
C ILE C 232 43.88 24.02 19.47
N MET C 233 44.16 22.90 20.13
CA MET C 233 45.34 22.10 19.81
C MET C 233 45.03 20.59 19.87
N ARG C 234 45.43 19.85 18.84
CA ARG C 234 45.33 18.39 18.86
C ARG C 234 46.49 17.77 19.62
N SER C 235 46.20 17.06 20.69
CA SER C 235 47.24 16.44 21.50
C SER C 235 46.68 15.32 22.38
N ASP C 236 47.45 14.23 22.50
CA ASP C 236 47.06 13.15 23.38
C ASP C 236 47.91 13.19 24.65
N ALA C 237 48.54 14.33 24.90
CA ALA C 237 49.37 14.48 26.08
C ALA C 237 48.50 14.73 27.30
N PRO C 238 48.86 14.12 28.44
CA PRO C 238 48.05 14.27 29.66
C PRO C 238 48.21 15.66 30.25
N ILE C 239 47.27 16.06 31.10
CA ILE C 239 47.37 17.38 31.72
C ILE C 239 47.41 17.18 33.22
N GLY C 240 48.32 17.89 33.87
CA GLY C 240 48.58 17.72 35.29
C GLY C 240 48.54 19.07 35.96
N LYS C 241 48.80 19.10 37.26
CA LYS C 241 48.83 20.38 37.94
C LYS C 241 50.27 20.88 38.06
N CYS C 242 50.54 22.00 37.39
CA CYS C 242 51.86 22.59 37.29
C CYS C 242 51.66 23.99 36.69
N ASN C 243 52.71 24.81 36.67
CA ASN C 243 52.59 26.11 36.01
C ASN C 243 53.62 26.27 34.88
N SER C 244 53.16 26.72 33.72
CA SER C 244 53.95 26.86 32.52
C SER C 244 53.19 27.76 31.55
N ALA C 245 53.91 28.66 30.89
CA ALA C 245 53.29 29.63 30.00
C ALA C 245 53.21 29.12 28.57
N CYS C 246 54.07 28.16 28.24
CA CYS C 246 54.13 27.70 26.87
C CYS C 246 53.70 26.23 26.80
N ILE C 247 52.77 25.93 25.90
CA ILE C 247 52.20 24.59 25.75
C ILE C 247 52.51 24.09 24.33
N THR C 248 52.78 22.78 24.19
CA THR C 248 52.91 22.13 22.88
C THR C 248 52.05 20.88 22.82
N PRO C 249 51.81 20.33 21.61
CA PRO C 249 51.12 19.04 21.46
C PRO C 249 51.94 17.87 22.03
N ASN C 250 53.22 18.12 22.27
CA ASN C 250 54.10 17.12 22.89
C ASN C 250 54.27 17.39 24.38
N GLY C 251 53.57 18.39 24.90
CA GLY C 251 53.60 18.71 26.33
C GLY C 251 54.02 20.14 26.63
N SER C 252 53.89 20.58 27.87
CA SER C 252 54.34 21.93 28.25
C SER C 252 55.86 22.04 28.34
N ILE C 253 56.38 23.25 28.09
CA ILE C 253 57.81 23.56 28.19
C ILE C 253 58.04 24.99 28.75
N PRO C 254 59.21 25.24 29.37
CA PRO C 254 59.47 26.60 29.91
C PRO C 254 59.91 27.65 28.88
N ASN C 255 59.69 28.92 29.22
CA ASN C 255 59.85 30.02 28.27
C ASN C 255 61.07 30.87 28.57
N ASP C 256 62.25 30.27 28.53
CA ASP C 256 63.41 31.00 28.95
C ASP C 256 64.51 31.02 27.91
N LYS C 257 64.55 29.99 27.07
CA LYS C 257 65.54 29.97 26.00
C LYS C 257 64.92 30.65 24.79
N PRO C 258 65.76 31.21 23.92
CA PRO C 258 65.24 31.94 22.76
C PRO C 258 64.62 30.99 21.75
N PHE C 259 64.98 29.72 21.81
CA PHE C 259 64.50 28.77 20.82
C PHE C 259 63.94 27.48 21.40
N GLN C 260 63.42 26.63 20.51
CA GLN C 260 62.66 25.45 20.87
C GLN C 260 62.60 24.57 19.64
N ASN C 261 62.76 23.27 19.82
CA ASN C 261 62.72 22.33 18.69
C ASN C 261 61.73 21.18 18.87
N VAL C 262 60.78 21.35 19.79
CA VAL C 262 59.77 20.32 20.02
C VAL C 262 58.59 20.39 19.03
N ASN C 263 58.04 21.58 18.80
CA ASN C 263 56.91 21.70 17.88
C ASN C 263 56.65 23.12 17.38
N ARG C 264 56.27 23.22 16.11
CA ARG C 264 55.87 24.48 15.47
C ARG C 264 54.69 25.11 16.18
N ILE C 265 53.81 24.24 16.64
CA ILE C 265 52.55 24.65 17.17
C ILE C 265 52.75 24.78 18.66
N THR C 266 52.47 25.98 19.16
CA THR C 266 52.62 26.29 20.56
C THR C 266 51.51 27.25 20.92
N TYR C 267 51.25 27.42 22.21
CA TYR C 267 50.27 28.42 22.66
C TYR C 267 50.89 29.11 23.85
N GLY C 268 50.83 30.43 23.87
CA GLY C 268 51.34 31.22 24.98
C GLY C 268 52.66 31.87 24.62
N ALA C 269 53.37 32.38 25.63
CA ALA C 269 54.65 33.04 25.42
C ALA C 269 55.75 31.99 25.29
N CYS C 270 56.20 31.78 24.06
CA CYS C 270 57.04 30.65 23.74
C CYS C 270 58.26 31.07 22.91
N PRO C 271 59.33 30.27 22.97
CA PRO C 271 60.49 30.46 22.10
C PRO C 271 60.12 30.27 20.63
N ARG C 272 60.88 30.87 19.72
CA ARG C 272 60.69 30.61 18.30
C ARG C 272 61.02 29.14 18.07
N TYR C 273 60.22 28.47 17.25
CA TYR C 273 60.57 27.12 16.84
C TYR C 273 61.78 27.21 15.95
N SER C 274 62.69 26.23 16.02
CA SER C 274 63.89 26.33 15.20
C SER C 274 64.20 25.05 14.45
N LYS C 275 64.63 24.01 15.17
CA LYS C 275 65.15 22.78 14.56
C LYS C 275 66.53 23.00 13.92
N GLY D 4 -61.87 17.07 -31.69
CA GLY D 4 -62.29 15.85 -32.38
C GLY D 4 -61.36 14.70 -32.06
N SER D 5 -61.82 13.46 -32.28
CA SER D 5 -60.98 12.30 -31.98
C SER D 5 -60.33 11.72 -33.24
N GLU D 6 -60.82 12.12 -34.41
CA GLU D 6 -60.19 11.72 -35.66
C GLU D 6 -59.02 12.67 -35.97
N LEU D 7 -58.95 13.76 -35.20
CA LEU D 7 -57.85 14.70 -35.35
C LEU D 7 -56.76 14.45 -34.30
N VAL D 8 -57.12 13.82 -33.17
CA VAL D 8 -56.17 13.64 -32.06
C VAL D 8 -56.00 12.19 -31.60
N GLN D 9 -54.76 11.80 -31.32
CA GLN D 9 -54.45 10.47 -30.83
C GLN D 9 -54.30 10.57 -29.33
N SER D 10 -55.06 9.74 -28.59
CA SER D 10 -55.14 9.84 -27.14
C SER D 10 -54.83 8.55 -26.39
N SER D 11 -54.84 7.44 -27.10
CA SER D 11 -54.65 6.17 -26.43
C SER D 11 -53.23 5.68 -26.63
N SER D 12 -52.83 4.74 -25.77
CA SER D 12 -51.61 3.99 -25.95
C SER D 12 -51.80 2.70 -25.17
N THR D 13 -51.20 1.63 -25.67
CA THR D 13 -51.26 0.35 -24.97
C THR D 13 -50.50 0.45 -23.66
N GLY D 14 -49.50 1.33 -23.64
CA GLY D 14 -48.65 1.51 -22.48
C GLY D 14 -47.32 0.81 -22.65
N GLU D 15 -47.20 0.03 -23.72
CA GLU D 15 -45.96 -0.67 -24.00
C GLU D 15 -45.13 0.15 -24.99
N ILE D 16 -43.81 0.02 -24.91
CA ILE D 16 -42.97 0.60 -25.93
C ILE D 16 -42.64 -0.53 -26.88
N CYS D 17 -42.80 -0.31 -28.18
CA CYS D 17 -42.56 -1.39 -29.11
C CYS D 17 -41.08 -1.43 -29.51
N ASN D 18 -40.50 -2.62 -29.48
CA ASN D 18 -39.08 -2.80 -29.76
C ASN D 18 -38.73 -2.66 -31.24
N SER D 19 -39.76 -2.45 -32.05
CA SER D 19 -39.56 -2.29 -33.49
C SER D 19 -40.27 -1.01 -33.91
N PRO D 20 -39.75 -0.33 -34.95
CA PRO D 20 -38.55 -0.65 -35.72
C PRO D 20 -37.35 0.12 -35.22
N HIS D 21 -37.47 0.75 -34.06
CA HIS D 21 -36.36 1.49 -33.49
C HIS D 21 -35.57 0.57 -32.56
N GLN D 22 -34.24 0.61 -32.67
CA GLN D 22 -33.42 -0.19 -31.76
C GLN D 22 -33.47 0.43 -30.36
N ILE D 23 -34.04 -0.31 -29.42
CA ILE D 23 -34.21 0.20 -28.07
C ILE D 23 -33.29 -0.52 -27.09
N LEU D 24 -32.71 0.27 -26.20
CA LEU D 24 -31.80 -0.23 -25.17
C LEU D 24 -32.32 0.15 -23.77
N ASP D 25 -32.68 -0.84 -22.96
CA ASP D 25 -33.19 -0.56 -21.62
C ASP D 25 -32.03 -0.38 -20.63
N GLY D 26 -31.95 0.81 -20.04
CA GLY D 26 -30.87 1.16 -19.11
C GLY D 26 -30.94 0.36 -17.82
N GLU D 27 -32.11 -0.21 -17.55
CA GLU D 27 -32.34 -0.94 -16.30
C GLU D 27 -31.89 -0.18 -15.04
N ASN D 28 -30.97 -0.73 -14.25
CA ASN D 28 -30.50 -0.05 -13.04
C ASN D 28 -29.50 1.09 -13.33
N CYS D 29 -29.09 1.23 -14.58
CA CYS D 29 -28.07 2.23 -14.96
C CYS D 29 -28.57 3.47 -15.70
N THR D 30 -28.03 4.63 -15.30
CA THR D 30 -28.19 5.84 -16.09
C THR D 30 -27.19 5.75 -17.23
N LEU D 31 -27.36 6.60 -18.23
CA LEU D 31 -26.49 6.57 -19.39
C LEU D 31 -25.09 6.97 -18.94
N ILE D 32 -25.02 7.96 -18.07
CA ILE D 32 -23.73 8.46 -17.58
C ILE D 32 -22.92 7.37 -16.80
N ASP D 33 -23.59 6.60 -15.93
CA ASP D 33 -22.96 5.49 -15.23
C ASP D 33 -22.52 4.43 -16.25
N ALA D 34 -23.37 4.19 -17.26
CA ALA D 34 -23.10 3.22 -18.28
C ALA D 34 -21.88 3.65 -19.07
N LEU D 35 -21.68 4.95 -19.12
CA LEU D 35 -20.59 5.55 -19.87
C LEU D 35 -19.28 5.37 -19.11
N LEU D 36 -19.26 5.85 -17.87
CA LEU D 36 -18.04 5.83 -17.06
C LEU D 36 -17.56 4.42 -16.79
N GLY D 37 -18.51 3.50 -16.64
CA GLY D 37 -18.21 2.10 -16.40
C GLY D 37 -18.45 1.69 -14.96
N ASP D 38 -19.61 2.12 -14.42
CA ASP D 38 -20.06 1.72 -13.10
C ASP D 38 -20.23 0.21 -13.13
N PRO D 39 -19.90 -0.47 -12.02
CA PRO D 39 -19.91 -1.94 -11.98
C PRO D 39 -21.28 -2.61 -12.19
N GLN D 40 -22.41 -1.91 -12.04
CA GLN D 40 -23.70 -2.51 -12.37
C GLN D 40 -23.86 -2.53 -13.89
N CYS D 41 -23.01 -1.80 -14.59
CA CYS D 41 -23.31 -1.41 -15.96
C CYS D 41 -22.36 -2.00 -17.00
N ASP D 42 -21.64 -3.07 -16.66
CA ASP D 42 -20.63 -3.62 -17.55
C ASP D 42 -21.27 -4.26 -18.79
N GLY D 43 -22.52 -4.71 -18.67
CA GLY D 43 -23.22 -5.27 -19.80
C GLY D 43 -23.50 -4.23 -20.88
N PHE D 44 -23.28 -2.95 -20.56
CA PHE D 44 -23.61 -1.89 -21.50
C PHE D 44 -22.46 -1.50 -22.40
N GLN D 45 -21.28 -2.06 -22.16
CA GLN D 45 -20.08 -1.68 -22.92
C GLN D 45 -20.31 -1.89 -24.42
N ASN D 46 -19.93 -0.91 -25.22
CA ASN D 46 -19.99 -1.00 -26.67
C ASN D 46 -21.35 -1.24 -27.29
N LYS D 47 -22.41 -1.00 -26.52
CA LYS D 47 -23.74 -1.11 -27.04
C LYS D 47 -24.09 0.11 -27.90
N LYS D 48 -25.08 -0.09 -28.79
CA LYS D 48 -25.58 0.95 -29.69
C LYS D 48 -27.09 1.06 -29.47
N TRP D 49 -27.69 2.17 -29.91
CA TRP D 49 -29.14 2.35 -29.78
C TRP D 49 -29.69 3.50 -30.61
N ASP D 50 -30.96 3.37 -31.00
CA ASP D 50 -31.69 4.52 -31.54
C ASP D 50 -32.22 5.30 -30.33
N LEU D 51 -32.79 4.60 -29.34
CA LEU D 51 -33.31 5.25 -28.13
C LEU D 51 -32.89 4.50 -26.86
N PHE D 52 -32.32 5.24 -25.93
CA PHE D 52 -31.93 4.68 -24.64
C PHE D 52 -32.99 5.10 -23.62
N VAL D 53 -33.54 4.12 -22.90
CA VAL D 53 -34.58 4.42 -21.94
C VAL D 53 -34.04 4.36 -20.52
N GLU D 54 -33.89 5.52 -19.90
CA GLU D 54 -33.50 5.57 -18.48
C GLU D 54 -34.72 5.24 -17.63
N ARG D 55 -34.45 4.65 -16.46
CA ARG D 55 -35.48 4.23 -15.55
C ARG D 55 -35.36 5.00 -14.23
N SER D 56 -36.48 5.22 -13.57
CA SER D 56 -36.45 6.01 -12.35
C SER D 56 -35.76 5.21 -11.24
N LYS D 57 -35.73 3.89 -11.38
CA LYS D 57 -35.10 3.09 -10.34
C LYS D 57 -33.57 3.15 -10.43
N ALA D 58 -33.02 3.76 -11.48
CA ALA D 58 -31.56 3.77 -11.63
C ALA D 58 -30.92 4.46 -10.43
N HIS D 59 -29.88 3.83 -9.91
CA HIS D 59 -29.07 4.34 -8.81
C HIS D 59 -27.58 4.09 -9.14
N SER D 60 -26.71 4.98 -8.67
CA SER D 60 -25.26 4.88 -8.90
C SER D 60 -24.61 4.04 -7.82
N ASN D 61 -23.61 3.25 -8.18
CA ASN D 61 -23.01 2.37 -7.20
C ASN D 61 -21.48 2.33 -7.19
N CYS D 62 -20.86 3.50 -7.31
CA CYS D 62 -19.43 3.51 -7.41
C CYS D 62 -18.87 4.71 -6.65
N TYR D 63 -17.70 5.21 -7.07
CA TYR D 63 -17.11 6.38 -6.41
C TYR D 63 -18.04 7.55 -6.65
N PRO D 64 -18.29 8.35 -5.60
CA PRO D 64 -19.20 9.50 -5.69
C PRO D 64 -18.66 10.59 -6.61
N TYR D 65 -19.46 10.97 -7.60
CA TYR D 65 -19.09 11.97 -8.59
C TYR D 65 -20.16 13.02 -8.89
N ASP D 66 -19.74 14.09 -9.56
CA ASP D 66 -20.61 15.09 -10.15
C ASP D 66 -20.12 15.38 -11.56
N VAL D 67 -21.04 15.73 -12.46
CA VAL D 67 -20.63 16.19 -13.79
C VAL D 67 -21.11 17.61 -14.02
N PRO D 68 -20.19 18.59 -13.91
CA PRO D 68 -20.47 20.01 -14.12
C PRO D 68 -21.26 20.29 -15.40
N ASP D 69 -21.09 19.47 -16.43
CA ASP D 69 -21.85 19.65 -17.64
C ASP D 69 -22.74 18.43 -17.88
N TYR D 70 -23.39 17.93 -16.83
CA TYR D 70 -24.24 16.71 -16.92
C TYR D 70 -25.16 16.73 -18.13
N ALA D 71 -26.05 17.72 -18.17
CA ALA D 71 -27.08 17.76 -19.21
C ALA D 71 -26.52 17.62 -20.63
N SER D 72 -25.56 18.46 -20.99
CA SER D 72 -24.98 18.41 -22.34
C SER D 72 -24.31 17.08 -22.63
N LEU D 73 -23.49 16.63 -21.70
CA LEU D 73 -22.75 15.37 -21.86
C LEU D 73 -23.72 14.21 -22.12
N ARG D 74 -24.77 14.14 -21.32
CA ARG D 74 -25.76 13.08 -21.45
C ARG D 74 -26.43 13.14 -22.83
N SER D 75 -26.68 14.35 -23.33
CA SER D 75 -27.40 14.51 -24.60
C SER D 75 -26.47 14.29 -25.75
N LEU D 76 -25.21 14.73 -25.60
CA LEU D 76 -24.15 14.43 -26.59
C LEU D 76 -24.18 12.94 -26.88
N VAL D 77 -23.92 12.16 -25.85
CA VAL D 77 -23.79 10.70 -25.96
C VAL D 77 -25.05 9.99 -26.39
N ALA D 78 -26.19 10.47 -25.90
CA ALA D 78 -27.46 9.89 -26.35
C ALA D 78 -27.63 10.06 -27.86
N SER D 79 -27.41 11.27 -28.35
CA SER D 79 -27.55 11.59 -29.77
C SER D 79 -26.60 10.75 -30.61
N SER D 80 -25.41 10.52 -30.09
CA SER D 80 -24.42 9.73 -30.79
C SER D 80 -24.96 8.30 -30.92
N GLY D 81 -25.54 7.78 -29.85
CA GLY D 81 -26.20 6.51 -29.95
C GLY D 81 -25.25 5.33 -29.89
N THR D 82 -24.14 5.52 -29.20
CA THR D 82 -23.20 4.42 -29.04
C THR D 82 -22.37 4.52 -27.77
N LEU D 83 -21.90 3.37 -27.29
CA LEU D 83 -20.88 3.38 -26.25
C LEU D 83 -19.58 2.69 -26.73
N GLU D 84 -19.43 2.57 -28.06
CA GLU D 84 -18.20 2.02 -28.62
C GLU D 84 -16.99 2.74 -28.04
N PHE D 85 -16.17 2.00 -27.31
CA PHE D 85 -14.98 2.57 -26.71
C PHE D 85 -13.79 1.94 -27.35
N ASN D 86 -12.75 2.74 -27.56
CA ASN D 86 -11.50 2.25 -28.12
C ASN D 86 -10.31 2.57 -27.23
N ASN D 87 -9.68 1.51 -26.72
CA ASN D 87 -8.53 1.62 -25.83
C ASN D 87 -7.33 2.28 -26.50
N GLU D 88 -6.53 3.00 -25.72
CA GLU D 88 -5.34 3.62 -26.27
C GLU D 88 -4.25 3.51 -25.21
N SER D 89 -2.99 3.44 -25.64
CA SER D 89 -1.87 3.28 -24.71
C SER D 89 -1.19 4.63 -24.48
N PHE D 90 -1.67 5.36 -23.48
CA PHE D 90 -1.03 6.59 -23.03
C PHE D 90 0.29 6.30 -22.34
N ASN D 91 1.17 7.28 -22.34
CA ASN D 91 2.43 7.13 -21.66
C ASN D 91 2.35 7.55 -20.20
N TRP D 92 1.95 6.62 -19.35
CA TRP D 92 1.90 6.88 -17.93
C TRP D 92 3.19 6.36 -17.31
N THR D 93 4.30 6.99 -17.64
CA THR D 93 5.56 6.56 -17.09
C THR D 93 5.83 7.46 -15.89
N GLY D 94 6.17 6.84 -14.77
CA GLY D 94 6.47 7.60 -13.57
C GLY D 94 5.37 7.59 -12.53
N VAL D 95 4.23 6.97 -12.83
CA VAL D 95 3.09 6.92 -11.92
C VAL D 95 2.53 5.51 -11.77
N THR D 96 1.72 5.30 -10.74
CA THR D 96 1.02 4.04 -10.55
C THR D 96 -0.35 4.11 -11.21
N GLN D 97 -0.77 3.04 -11.86
CA GLN D 97 -2.02 3.03 -12.57
C GLN D 97 -3.06 2.21 -11.84
N ASN D 98 -4.31 2.34 -12.27
CA ASN D 98 -5.39 1.46 -11.84
C ASN D 98 -5.74 1.53 -10.35
N GLY D 99 -5.77 2.72 -9.78
CA GLY D 99 -6.20 2.89 -8.40
C GLY D 99 -7.61 2.38 -8.18
N THR D 100 -7.90 1.82 -7.01
CA THR D 100 -9.26 1.35 -6.72
C THR D 100 -9.81 1.83 -5.34
N SER D 101 -11.09 1.62 -5.11
CA SER D 101 -11.71 2.10 -3.88
C SER D 101 -12.78 1.18 -3.32
N SER D 102 -12.89 1.14 -2.00
CA SER D 102 -13.97 0.40 -1.34
C SER D 102 -15.34 1.01 -1.67
N ALA D 103 -15.33 2.17 -2.32
CA ALA D 103 -16.56 2.79 -2.79
C ALA D 103 -17.10 2.10 -4.05
N CYS D 104 -16.21 1.52 -4.84
CA CYS D 104 -16.59 0.83 -6.07
C CYS D 104 -16.24 -0.64 -5.99
N ILE D 105 -17.18 -1.47 -5.56
CA ILE D 105 -16.91 -2.89 -5.41
C ILE D 105 -17.24 -3.65 -6.70
N ARG D 106 -16.38 -4.61 -7.07
CA ARG D 106 -16.62 -5.43 -8.25
C ARG D 106 -16.17 -6.83 -7.86
N ARG D 107 -17.10 -7.78 -7.83
CA ARG D 107 -16.86 -9.16 -7.38
C ARG D 107 -16.18 -9.20 -6.00
N SER D 108 -16.72 -8.37 -5.07
CA SER D 108 -16.23 -8.20 -3.69
C SER D 108 -14.91 -7.45 -3.52
N ASN D 109 -14.21 -7.15 -4.60
CA ASN D 109 -12.93 -6.43 -4.50
C ASN D 109 -13.10 -4.93 -4.75
N ASN D 110 -12.37 -4.11 -4.01
CA ASN D 110 -12.21 -2.70 -4.39
C ASN D 110 -11.99 -2.55 -5.90
N SER D 111 -12.73 -1.64 -6.54
CA SER D 111 -12.60 -1.40 -7.97
C SER D 111 -12.76 0.11 -8.27
N PHE D 112 -13.10 0.43 -9.51
CA PHE D 112 -13.22 1.82 -9.97
C PHE D 112 -13.97 1.81 -11.29
N PHE D 113 -14.27 2.98 -11.81
CA PHE D 113 -14.95 3.11 -13.10
C PHE D 113 -14.15 2.40 -14.19
N SER D 114 -14.83 1.57 -14.98
CA SER D 114 -14.10 0.73 -15.91
C SER D 114 -13.33 1.53 -16.97
N ARG D 115 -13.80 2.74 -17.29
CA ARG D 115 -13.21 3.51 -18.41
C ARG D 115 -12.26 4.61 -17.95
N LEU D 116 -11.98 4.65 -16.66
CA LEU D 116 -11.16 5.72 -16.11
C LEU D 116 -9.96 5.09 -15.42
N ASN D 117 -8.90 5.88 -15.25
CA ASN D 117 -7.64 5.36 -14.72
C ASN D 117 -7.11 6.29 -13.65
N TRP D 118 -7.12 5.79 -12.40
CA TRP D 118 -6.72 6.60 -11.25
C TRP D 118 -5.22 6.50 -11.06
N LEU D 119 -4.51 7.57 -11.43
CA LEU D 119 -3.06 7.56 -11.34
C LEU D 119 -2.62 8.06 -9.98
N THR D 120 -1.70 7.35 -9.31
CA THR D 120 -1.14 7.82 -8.04
C THR D 120 0.39 7.81 -8.16
N HIS D 121 1.08 8.16 -7.07
CA HIS D 121 2.53 8.29 -7.08
C HIS D 121 3.21 6.93 -7.34
N LEU D 122 4.46 6.97 -7.81
CA LEU D 122 5.25 5.74 -7.96
C LEU D 122 6.53 5.93 -7.21
N ASN D 123 6.79 5.07 -6.23
CA ASN D 123 7.96 5.21 -5.34
C ASN D 123 8.10 6.59 -4.76
N PHE D 124 6.96 7.17 -4.40
CA PHE D 124 6.90 8.47 -3.74
C PHE D 124 7.31 9.65 -4.58
N LYS D 125 6.98 9.58 -5.86
CA LYS D 125 7.11 10.70 -6.78
C LYS D 125 5.94 10.72 -7.74
N TYR D 126 5.55 11.91 -8.16
CA TYR D 126 4.56 12.09 -9.20
C TYR D 126 5.09 13.22 -10.05
N PRO D 127 5.71 12.87 -11.19
CA PRO D 127 6.33 13.88 -12.06
C PRO D 127 5.26 14.80 -12.68
N ALA D 128 5.67 15.93 -13.23
CA ALA D 128 4.74 16.76 -13.98
C ALA D 128 4.46 16.01 -15.26
N LEU D 129 3.23 15.52 -15.42
CA LEU D 129 2.85 14.79 -16.63
C LEU D 129 2.69 15.76 -17.80
N ASN D 130 3.31 15.38 -18.93
CA ASN D 130 3.19 16.13 -20.17
C ASN D 130 2.99 15.08 -21.23
N VAL D 131 1.76 14.58 -21.33
CA VAL D 131 1.46 13.45 -22.21
C VAL D 131 0.54 13.92 -23.34
N THR D 132 0.67 13.31 -24.52
CA THR D 132 -0.08 13.73 -25.70
C THR D 132 -0.68 12.53 -26.43
N MET D 133 -1.76 12.76 -27.16
CA MET D 133 -2.37 11.71 -27.94
C MET D 133 -2.98 12.33 -29.18
N PRO D 134 -2.36 12.07 -30.34
CA PRO D 134 -2.76 12.69 -31.60
C PRO D 134 -3.93 11.96 -32.22
N ASN D 135 -4.86 12.68 -32.84
CA ASN D 135 -5.94 12.07 -33.62
C ASN D 135 -5.56 11.96 -35.08
N ASN D 136 -5.23 10.75 -35.49
CA ASN D 136 -4.81 10.49 -36.86
C ASN D 136 -5.88 9.71 -37.58
N GLU D 137 -7.02 9.54 -36.93
CA GLU D 137 -8.16 8.86 -37.53
C GLU D 137 -8.90 9.85 -38.46
N GLN D 138 -9.91 9.37 -39.17
CA GLN D 138 -10.75 10.25 -39.97
C GLN D 138 -11.92 10.85 -39.17
N PHE D 139 -12.30 10.23 -38.06
CA PHE D 139 -13.45 10.64 -37.24
C PHE D 139 -13.10 11.43 -35.96
N ASP D 140 -14.13 11.92 -35.28
CA ASP D 140 -13.93 12.66 -34.02
C ASP D 140 -13.79 11.73 -32.82
N LYS D 141 -12.98 12.13 -31.85
CA LYS D 141 -12.79 11.34 -30.65
C LYS D 141 -13.38 12.02 -29.41
N LEU D 142 -14.00 11.22 -28.56
CA LEU D 142 -14.56 11.75 -27.31
C LEU D 142 -13.79 11.21 -26.13
N TYR D 143 -13.12 12.08 -25.39
CA TYR D 143 -12.39 11.67 -24.20
C TYR D 143 -13.17 12.07 -22.93
N ILE D 144 -13.38 11.10 -22.04
CA ILE D 144 -14.00 11.38 -20.77
C ILE D 144 -12.94 11.22 -19.74
N TRP D 145 -12.79 12.23 -18.89
CA TRP D 145 -11.77 12.21 -17.84
C TRP D 145 -12.27 12.91 -16.58
N GLY D 146 -11.42 12.97 -15.56
CA GLY D 146 -11.86 13.50 -14.29
C GLY D 146 -10.78 14.07 -13.41
N VAL D 147 -11.25 14.71 -12.34
CA VAL D 147 -10.39 15.30 -11.32
C VAL D 147 -10.82 14.83 -9.93
N HIS D 148 -9.85 14.46 -9.13
CA HIS D 148 -10.16 13.89 -7.83
C HIS D 148 -9.97 14.92 -6.72
N HIS D 149 -11.01 15.10 -5.92
CA HIS D 149 -11.02 16.05 -4.81
C HIS D 149 -11.00 15.27 -3.50
N PRO D 150 -9.80 15.08 -2.92
CA PRO D 150 -9.62 14.30 -1.69
C PRO D 150 -10.25 14.99 -0.48
N GLY D 151 -10.67 14.19 0.51
CA GLY D 151 -11.33 14.71 1.69
C GLY D 151 -10.39 15.49 2.60
N THR D 152 -9.14 15.03 2.71
CA THR D 152 -8.18 15.63 3.63
C THR D 152 -6.82 15.82 2.98
N ASP D 153 -5.98 16.65 3.62
CA ASP D 153 -4.60 16.84 3.19
C ASP D 153 -3.83 15.55 3.35
N LYS D 154 -4.19 14.76 4.37
CA LYS D 154 -3.53 13.49 4.58
C LYS D 154 -3.71 12.56 3.39
N ASP D 155 -4.94 12.52 2.88
CA ASP D 155 -5.23 11.72 1.69
C ASP D 155 -4.47 12.22 0.46
N GLN D 156 -4.41 13.54 0.29
CA GLN D 156 -3.76 14.16 -0.86
C GLN D 156 -2.31 13.74 -0.96
N ILE D 157 -1.60 13.75 0.18
CA ILE D 157 -0.20 13.37 0.27
C ILE D 157 -0.02 11.87 0.09
N PHE D 158 -0.95 11.10 0.64
CA PHE D 158 -0.89 9.65 0.52
C PHE D 158 -0.96 9.21 -0.93
N LEU D 159 -1.77 9.92 -1.71
CA LEU D 159 -2.08 9.52 -3.08
C LEU D 159 -1.09 10.09 -4.09
N TYR D 160 -0.71 11.35 -3.89
CA TYR D 160 0.00 12.09 -4.91
C TYR D 160 1.37 12.61 -4.45
N ALA D 161 1.70 12.43 -3.17
CA ALA D 161 3.01 12.82 -2.62
C ALA D 161 3.34 14.32 -2.71
N GLN D 162 2.36 15.14 -3.07
CA GLN D 162 2.53 16.60 -3.07
C GLN D 162 1.17 17.32 -2.94
N ALA D 163 1.17 18.63 -2.69
CA ALA D 163 -0.10 19.35 -2.57
C ALA D 163 -0.76 19.48 -3.95
N ALA D 164 -2.03 19.86 -3.98
CA ALA D 164 -2.80 19.88 -5.22
C ALA D 164 -2.40 21.05 -6.09
N GLY D 165 -2.25 20.78 -7.39
CA GLY D 165 -1.88 21.80 -8.34
C GLY D 165 -2.90 21.71 -9.46
N ARG D 166 -2.79 22.56 -10.45
CA ARG D 166 -3.79 22.65 -11.51
C ARG D 166 -3.63 21.56 -12.56
N ILE D 167 -4.75 21.05 -13.05
CA ILE D 167 -4.77 20.09 -14.14
C ILE D 167 -5.19 20.84 -15.40
N THR D 168 -4.46 20.62 -16.51
CA THR D 168 -4.80 21.26 -17.78
C THR D 168 -5.02 20.24 -18.89
N VAL D 169 -6.20 20.24 -19.49
CA VAL D 169 -6.48 19.42 -20.66
C VAL D 169 -6.80 20.32 -21.86
N SER D 170 -5.95 20.27 -22.90
CA SER D 170 -6.13 21.14 -24.06
C SER D 170 -5.98 20.45 -25.44
N THR D 171 -6.52 21.13 -26.44
CA THR D 171 -6.30 20.81 -27.83
C THR D 171 -6.00 22.16 -28.47
N LYS D 172 -5.84 22.19 -29.80
CA LYS D 172 -5.65 23.46 -30.50
C LYS D 172 -6.89 24.36 -30.42
N ARG D 173 -8.05 23.74 -30.35
CA ARG D 173 -9.32 24.47 -30.32
C ARG D 173 -9.80 24.88 -28.91
N SER D 174 -9.30 24.20 -27.88
CA SER D 174 -9.85 24.39 -26.55
C SER D 174 -8.83 24.18 -25.45
N GLN D 175 -9.16 24.67 -24.26
CA GLN D 175 -8.36 24.47 -23.07
C GLN D 175 -9.31 24.39 -21.88
N GLN D 176 -9.09 23.41 -21.00
CA GLN D 176 -9.88 23.24 -19.78
C GLN D 176 -8.94 23.12 -18.58
N ALA D 177 -9.22 23.90 -17.52
CA ALA D 177 -8.34 23.96 -16.37
C ALA D 177 -9.16 23.79 -15.11
N VAL D 178 -8.75 22.85 -14.27
CA VAL D 178 -9.46 22.57 -13.04
C VAL D 178 -8.46 22.57 -11.91
N ILE D 179 -8.87 23.11 -10.77
CA ILE D 179 -8.08 23.08 -9.55
C ILE D 179 -8.73 22.09 -8.60
N PRO D 180 -8.02 20.99 -8.27
CA PRO D 180 -8.51 20.00 -7.31
C PRO D 180 -8.75 20.71 -6.00
N ASN D 181 -9.74 20.31 -5.22
CA ASN D 181 -10.14 21.08 -4.05
C ASN D 181 -10.20 20.11 -2.86
N VAL D 182 -9.21 20.20 -1.99
CA VAL D 182 -9.15 19.38 -0.78
C VAL D 182 -10.16 19.88 0.25
N GLY D 183 -11.11 19.04 0.63
CA GLY D 183 -12.17 19.45 1.55
C GLY D 183 -13.21 18.34 1.70
N SER D 184 -13.77 18.19 2.90
CA SER D 184 -14.76 17.14 3.18
C SER D 184 -16.17 17.56 2.83
N ARG D 185 -16.75 16.85 1.86
CA ARG D 185 -18.13 17.06 1.42
C ARG D 185 -18.94 15.90 2.00
N PRO D 186 -20.28 16.09 2.17
CA PRO D 186 -21.18 15.09 2.80
C PRO D 186 -20.93 13.65 2.38
N ARG D 187 -20.81 12.75 3.36
CA ARG D 187 -20.44 11.36 3.07
C ARG D 187 -21.44 10.62 2.18
N VAL D 188 -20.89 9.88 1.21
CA VAL D 188 -21.67 9.02 0.31
C VAL D 188 -20.93 7.67 0.22
N ARG D 189 -21.56 6.59 0.71
CA ARG D 189 -20.91 5.28 0.83
C ARG D 189 -19.68 5.39 1.72
N ASN D 190 -19.80 6.22 2.76
CA ASN D 190 -18.68 6.59 3.62
C ASN D 190 -17.48 7.22 2.87
N ILE D 191 -17.76 8.09 1.90
CA ILE D 191 -16.71 8.80 1.14
C ILE D 191 -17.00 10.30 1.07
N PRO D 192 -16.13 11.12 1.69
CA PRO D 192 -16.18 12.59 1.71
C PRO D 192 -15.43 13.20 0.53
N SER D 193 -14.74 12.35 -0.25
CA SER D 193 -14.08 12.82 -1.46
C SER D 193 -14.99 12.64 -2.66
N ARG D 194 -14.62 13.29 -3.76
CA ARG D 194 -15.46 13.32 -4.94
C ARG D 194 -14.59 13.29 -6.19
N VAL D 195 -15.18 12.88 -7.30
CA VAL D 195 -14.55 12.97 -8.60
C VAL D 195 -15.44 13.85 -9.45
N SER D 196 -14.86 14.84 -10.11
CA SER D 196 -15.65 15.64 -11.04
C SER D 196 -15.29 15.22 -12.45
N ILE D 197 -16.31 14.95 -13.25
CA ILE D 197 -16.12 14.47 -14.61
C ILE D 197 -16.15 15.59 -15.64
N TYR D 198 -15.18 15.59 -16.54
CA TYR D 198 -15.10 16.52 -17.66
C TYR D 198 -14.98 15.71 -18.98
N TRP D 199 -15.25 16.36 -20.10
CA TRP D 199 -15.16 15.71 -21.40
C TRP D 199 -14.48 16.59 -22.44
N THR D 200 -13.93 15.98 -23.48
CA THR D 200 -13.18 16.78 -24.46
C THR D 200 -13.19 16.08 -25.81
N ILE D 201 -13.50 16.84 -26.84
CA ILE D 201 -13.50 16.29 -28.19
C ILE D 201 -12.25 16.68 -28.95
N VAL D 202 -11.66 15.69 -29.60
CA VAL D 202 -10.46 15.92 -30.40
C VAL D 202 -10.82 15.61 -31.86
N LYS D 203 -10.72 16.64 -32.70
CA LYS D 203 -11.06 16.52 -34.11
C LYS D 203 -9.87 15.94 -34.85
N PRO D 204 -10.08 15.43 -36.06
CA PRO D 204 -8.94 14.87 -36.81
C PRO D 204 -7.86 15.92 -37.03
N GLY D 205 -6.60 15.49 -36.96
CA GLY D 205 -5.48 16.40 -37.13
C GLY D 205 -5.16 17.23 -35.91
N ASP D 206 -6.00 17.12 -34.88
CA ASP D 206 -5.71 17.78 -33.61
C ASP D 206 -5.03 16.77 -32.68
N ILE D 207 -4.62 17.24 -31.51
CA ILE D 207 -3.91 16.39 -30.55
C ILE D 207 -4.37 16.66 -29.10
N LEU D 208 -4.45 15.61 -28.27
CA LEU D 208 -4.88 15.75 -26.89
C LEU D 208 -3.65 16.00 -26.04
N LEU D 209 -3.71 16.99 -25.16
CA LEU D 209 -2.55 17.33 -24.35
C LEU D 209 -3.01 17.50 -22.89
N ILE D 210 -2.44 16.65 -22.03
CA ILE D 210 -2.80 16.58 -20.62
C ILE D 210 -1.62 16.99 -19.72
N ASN D 211 -1.90 17.89 -18.79
CA ASN D 211 -0.88 18.40 -17.87
C ASN D 211 -1.34 18.23 -16.43
N SER D 212 -0.56 17.55 -15.61
CA SER D 212 -0.98 17.27 -14.25
C SER D 212 0.17 16.95 -13.30
N THR D 213 0.06 17.45 -12.09
CA THR D 213 1.02 17.08 -11.06
C THR D 213 0.31 16.25 -9.99
N GLY D 214 -0.83 15.64 -10.35
CA GLY D 214 -1.63 14.87 -9.39
C GLY D 214 -3.14 15.04 -9.53
N ASN D 215 -3.91 14.23 -8.81
CA ASN D 215 -5.36 14.35 -8.83
C ASN D 215 -5.98 14.09 -10.20
N LEU D 216 -5.16 13.68 -11.18
CA LEU D 216 -5.71 13.38 -12.50
C LEU D 216 -6.33 12.01 -12.50
N ILE D 217 -7.50 11.92 -13.11
CA ILE D 217 -8.14 10.64 -13.32
C ILE D 217 -8.24 10.49 -14.81
N ALA D 218 -7.43 9.56 -15.32
CA ALA D 218 -7.07 9.64 -16.72
C ALA D 218 -8.06 8.87 -17.57
N PRO D 219 -8.11 9.19 -18.85
CA PRO D 219 -8.96 8.37 -19.72
C PRO D 219 -8.15 7.15 -20.18
N ARG D 220 -8.86 6.07 -20.48
CA ARG D 220 -8.25 4.86 -20.99
C ARG D 220 -8.29 4.77 -22.52
N GLY D 221 -8.96 5.75 -23.13
CA GLY D 221 -9.18 5.73 -24.56
C GLY D 221 -10.27 6.72 -24.94
N TYR D 222 -10.95 6.46 -26.05
CA TYR D 222 -11.94 7.39 -26.54
C TYR D 222 -13.25 6.72 -26.92
N PHE D 223 -14.35 7.48 -26.91
CA PHE D 223 -15.61 7.00 -27.46
C PHE D 223 -15.73 7.58 -28.85
N LYS D 224 -16.51 6.89 -29.69
CA LYS D 224 -16.83 7.31 -31.05
C LYS D 224 -18.14 8.12 -31.07
N ILE D 225 -18.26 9.04 -32.02
CA ILE D 225 -19.54 9.71 -32.29
C ILE D 225 -20.18 9.12 -33.54
N ARG D 226 -21.23 8.34 -33.36
CA ARG D 226 -21.80 7.53 -34.43
C ARG D 226 -22.92 8.16 -35.24
N SER D 227 -23.69 9.05 -34.61
CA SER D 227 -24.90 9.53 -35.22
C SER D 227 -25.24 10.90 -34.65
N GLY D 228 -26.49 11.31 -34.82
CA GLY D 228 -26.97 12.56 -34.28
C GLY D 228 -28.49 12.49 -34.33
N LYS D 229 -28.97 11.26 -34.42
CA LYS D 229 -30.37 10.94 -34.65
C LYS D 229 -30.87 9.93 -33.63
N SER D 230 -30.04 9.61 -32.65
CA SER D 230 -30.46 8.75 -31.54
C SER D 230 -30.87 9.63 -30.37
N SER D 231 -31.40 9.02 -29.30
CA SER D 231 -31.86 9.82 -28.18
C SER D 231 -32.10 9.06 -26.86
N ILE D 232 -32.48 9.82 -25.84
CA ILE D 232 -32.74 9.26 -24.53
C ILE D 232 -34.11 9.72 -24.03
N MET D 233 -34.81 8.84 -23.32
CA MET D 233 -36.12 9.16 -22.76
C MET D 233 -36.23 8.55 -21.37
N ARG D 234 -36.75 9.31 -20.41
CA ARG D 234 -37.09 8.78 -19.09
C ARG D 234 -38.47 8.13 -19.13
N SER D 235 -38.54 6.84 -18.83
CA SER D 235 -39.83 6.13 -18.87
C SER D 235 -39.75 4.82 -18.09
N ASP D 236 -40.83 4.51 -17.37
CA ASP D 236 -40.94 3.23 -16.66
C ASP D 236 -41.88 2.28 -17.40
N ALA D 237 -42.15 2.62 -18.65
CA ALA D 237 -43.05 1.81 -19.46
C ALA D 237 -42.33 0.54 -19.88
N PRO D 238 -43.06 -0.58 -19.90
CA PRO D 238 -42.51 -1.88 -20.30
C PRO D 238 -42.24 -1.92 -21.79
N ILE D 239 -41.42 -2.87 -22.22
CA ILE D 239 -41.05 -2.97 -23.62
C ILE D 239 -41.54 -4.30 -24.16
N GLY D 240 -42.15 -4.27 -25.34
CA GLY D 240 -42.78 -5.46 -25.87
C GLY D 240 -42.39 -5.76 -27.30
N LYS D 241 -42.92 -6.86 -27.84
CA LYS D 241 -42.71 -7.19 -29.23
C LYS D 241 -43.94 -6.71 -30.00
N CYS D 242 -43.71 -5.70 -30.82
CA CYS D 242 -44.76 -5.04 -31.56
C CYS D 242 -44.07 -4.08 -32.52
N ASN D 243 -44.86 -3.50 -33.40
CA ASN D 243 -44.36 -2.46 -34.28
C ASN D 243 -45.13 -1.16 -34.12
N SER D 244 -44.39 -0.06 -33.99
CA SER D 244 -44.97 1.27 -33.81
C SER D 244 -43.88 2.29 -34.09
N ALA D 245 -44.24 3.33 -34.82
CA ALA D 245 -43.25 4.28 -35.29
C ALA D 245 -42.96 5.38 -34.31
N CYS D 246 -43.90 5.66 -33.40
CA CYS D 246 -43.74 6.79 -32.51
C CYS D 246 -43.64 6.30 -31.05
N ILE D 247 -42.64 6.77 -30.31
CA ILE D 247 -42.49 6.34 -28.92
C ILE D 247 -42.68 7.54 -27.98
N THR D 248 -43.41 7.33 -26.88
CA THR D 248 -43.60 8.35 -25.85
C THR D 248 -43.20 7.70 -24.54
N PRO D 249 -42.99 8.50 -23.48
CA PRO D 249 -42.68 7.88 -22.18
C PRO D 249 -43.88 7.11 -21.65
N ASN D 250 -45.04 7.30 -22.27
CA ASN D 250 -46.25 6.60 -21.86
C ASN D 250 -46.52 5.39 -22.75
N GLY D 251 -45.60 5.06 -23.64
CA GLY D 251 -45.78 3.87 -24.47
C GLY D 251 -45.80 4.28 -25.92
N SER D 252 -45.75 3.31 -26.84
CA SER D 252 -45.80 3.61 -28.26
C SER D 252 -47.21 3.96 -28.72
N ILE D 253 -47.30 4.77 -29.78
CA ILE D 253 -48.59 5.13 -30.40
C ILE D 253 -48.43 5.13 -31.92
N PRO D 254 -49.54 4.98 -32.66
CA PRO D 254 -49.42 4.99 -34.12
C PRO D 254 -49.38 6.40 -34.69
N ASN D 255 -48.85 6.53 -35.91
CA ASN D 255 -48.66 7.81 -36.56
C ASN D 255 -49.67 7.99 -37.68
N ASP D 256 -50.93 8.20 -37.33
CA ASP D 256 -51.97 8.27 -38.34
C ASP D 256 -52.73 9.60 -38.27
N LYS D 257 -52.79 10.17 -37.07
CA LYS D 257 -53.46 11.44 -36.89
C LYS D 257 -52.48 12.60 -36.90
N PRO D 258 -52.97 13.80 -37.22
CA PRO D 258 -52.11 15.00 -37.23
C PRO D 258 -51.72 15.44 -35.84
N PHE D 259 -52.48 15.02 -34.83
CA PHE D 259 -52.19 15.46 -33.49
C PHE D 259 -52.19 14.30 -32.50
N GLN D 260 -51.79 14.61 -31.27
CA GLN D 260 -51.51 13.61 -30.23
C GLN D 260 -51.46 14.36 -28.92
N ASN D 261 -52.09 13.81 -27.87
CA ASN D 261 -52.08 14.49 -26.56
C ASN D 261 -51.57 13.56 -25.46
N VAL D 262 -50.80 12.55 -25.86
CA VAL D 262 -50.20 11.60 -24.92
C VAL D 262 -48.97 12.20 -24.21
N ASN D 263 -48.05 12.83 -24.96
CA ASN D 263 -46.86 13.41 -24.30
C ASN D 263 -46.11 14.44 -25.13
N ARG D 264 -45.59 15.48 -24.47
CA ARG D 264 -44.73 16.48 -25.11
C ARG D 264 -43.48 15.84 -25.73
N ILE D 265 -43.00 14.78 -25.10
CA ILE D 265 -41.78 14.12 -25.50
C ILE D 265 -42.10 12.90 -26.33
N THR D 266 -41.53 12.81 -27.52
CA THR D 266 -41.74 11.68 -28.41
C THR D 266 -40.44 11.37 -29.14
N TYR D 267 -40.36 10.20 -29.76
CA TYR D 267 -39.22 9.84 -30.59
C TYR D 267 -39.73 9.09 -31.82
N GLY D 268 -39.31 9.50 -33.01
CA GLY D 268 -39.73 8.80 -34.22
C GLY D 268 -40.67 9.64 -35.05
N ALA D 269 -41.41 9.01 -35.96
CA ALA D 269 -42.38 9.75 -36.76
C ALA D 269 -43.66 9.91 -35.94
N CYS D 270 -43.95 11.13 -35.51
CA CYS D 270 -45.03 11.33 -34.56
C CYS D 270 -45.98 12.43 -34.96
N PRO D 271 -47.22 12.34 -34.48
CA PRO D 271 -48.14 13.47 -34.58
C PRO D 271 -47.60 14.66 -33.80
N ARG D 272 -48.02 15.87 -34.16
CA ARG D 272 -47.75 17.05 -33.34
C ARG D 272 -48.42 16.85 -31.98
N TYR D 273 -47.76 17.27 -30.90
CA TYR D 273 -48.42 17.33 -29.61
C TYR D 273 -49.37 18.53 -29.63
N SER D 274 -50.52 18.43 -28.97
CA SER D 274 -51.49 19.52 -28.99
C SER D 274 -52.00 19.88 -27.59
N LYS D 275 -52.69 18.93 -26.96
CA LYS D 275 -53.42 19.12 -25.69
C LYS D 275 -54.74 19.88 -25.81
C1 NAG E . -10.65 -15.59 -38.96
C2 NAG E . -11.83 -14.72 -38.56
C3 NAG E . -11.61 -13.26 -38.97
C4 NAG E . -10.24 -12.73 -38.51
C5 NAG E . -9.13 -13.74 -38.80
C6 NAG E . -7.80 -13.32 -38.14
C7 NAG E . -14.22 -15.18 -38.51
C8 NAG E . -15.25 -14.25 -39.10
N2 NAG E . -13.05 -15.23 -39.15
O3 NAG E . -12.62 -12.45 -38.40
O4 NAG E . -9.97 -11.52 -39.19
O5 NAG E . -9.48 -15.04 -38.37
O6 NAG E . -8.00 -12.51 -37.00
O7 NAG E . -14.48 -15.85 -37.51
C1 NAG F . -24.95 -26.24 -1.12
C2 NAG F . -26.31 -26.74 -0.62
C3 NAG F . -26.60 -26.27 0.81
C4 NAG F . -25.43 -26.65 1.69
C5 NAG F . -24.17 -25.98 1.18
C6 NAG F . -22.96 -26.28 2.07
C7 NAG F . -28.03 -27.29 -2.22
C8 NAG F . -29.17 -26.84 -3.09
N2 NAG F . -27.39 -26.36 -1.53
O3 NAG F . -27.78 -26.88 1.24
O4 NAG F . -25.69 -26.30 3.03
O5 NAG F . -23.89 -26.34 -0.17
O6 NAG F . -22.40 -27.54 1.79
O7 NAG F . -27.74 -28.48 -2.17
C1 NAG G . -23.20 -17.17 -15.28
C2 NAG G . -24.54 -16.75 -14.69
C3 NAG G . -25.72 -17.43 -15.40
C4 NAG G . -25.58 -17.31 -16.91
C5 NAG G . -24.20 -17.83 -17.35
C6 NAG G . -23.99 -17.70 -18.85
C7 NAG G . -24.62 -16.05 -12.37
C8 NAG G . -24.92 -16.45 -10.95
N2 NAG G . -24.57 -17.04 -13.26
O3 NAG G . -26.89 -16.80 -14.97
O4 NAG G . -26.62 -18.01 -17.55
O5 NAG G . -23.17 -17.11 -16.70
O6 NAG G . -22.66 -17.26 -19.07
O7 NAG G . -24.43 -14.87 -12.66
C1 NAG H . -9.84 -33.21 -0.98
C2 NAG H . -10.31 -33.77 0.37
C3 NAG H . -9.53 -33.18 1.54
C4 NAG H . -8.04 -33.28 1.24
C5 NAG H . -7.72 -32.40 0.04
C6 NAG H . -6.22 -32.37 -0.30
C7 NAG H . -12.61 -34.55 0.56
C8 NAG H . -13.96 -34.32 -0.03
N2 NAG H . -11.73 -33.54 0.51
O3 NAG H . -9.86 -33.90 2.70
O4 NAG H . -7.25 -32.90 2.35
O5 NAG H . -8.47 -32.78 -1.11
O6 NAG H . -5.72 -33.68 -0.49
O7 NAG H . -12.34 -35.63 1.07
C1 NAG I . -2.97 15.04 29.17
C2 NAG I . -1.93 16.13 28.90
C3 NAG I . -2.63 17.45 28.53
C4 NAG I . -3.62 17.25 27.38
C5 NAG I . -4.55 16.05 27.61
C6 NAG I . -5.28 15.78 26.28
C7 NAG I . 0.32 16.28 29.77
C8 NAG I . 1.23 16.77 30.85
N2 NAG I . -1.00 16.31 29.99
O3 NAG I . -1.65 18.40 28.16
O4 NAG I . -4.39 18.41 27.20
O5 NAG I . -3.83 14.90 28.04
O6 NAG I . -6.49 15.07 26.44
O7 NAG I . 0.81 15.86 28.72
C1 NAG J . 16.20 -16.12 8.18
C2 NAG J . 17.57 -16.65 7.73
C3 NAG J . 17.49 -17.30 6.33
C4 NAG J . 16.36 -18.32 6.27
C5 NAG J . 15.05 -17.68 6.73
C6 NAG J . 13.89 -18.70 6.73
C7 NAG J . 19.45 -15.57 8.81
C8 NAG J . 20.45 -14.45 8.81
N2 NAG J . 18.57 -15.61 7.80
O3 NAG J . 18.68 -17.96 6.00
O4 NAG J . 16.26 -18.85 4.97
O5 NAG J . 15.18 -17.10 8.01
O6 NAG J . 14.14 -19.78 7.61
O7 NAG J . 19.47 -16.42 9.70
C1 NAG K . 11.37 -1.50 11.30
C2 NAG K . 12.04 -1.54 9.94
C3 NAG K . 13.25 -2.46 10.08
C4 NAG K . 14.18 -1.96 11.19
C5 NAG K . 13.44 -1.59 12.49
C6 NAG K . 14.26 -0.69 13.42
C7 NAG K . 10.94 -1.16 7.79
C8 NAG K . 10.11 -1.70 6.65
N2 NAG K . 11.12 -1.93 8.87
O3 NAG K . 13.93 -2.48 8.84
O4 NAG K . 15.15 -2.95 11.47
O5 NAG K . 12.27 -0.86 12.19
O6 NAG K . 15.62 -1.03 13.55
O7 NAG K . 11.42 -0.02 7.74
C1 NAG L . 33.28 9.04 25.86
C2 NAG L . 32.26 8.82 27.00
C3 NAG L . 32.59 7.55 27.76
C4 NAG L . 32.72 6.38 26.80
C5 NAG L . 33.43 6.74 25.52
C6 NAG L . 33.07 5.64 24.52
C7 NAG L . 31.13 10.13 28.71
C8 NAG L . 31.40 10.01 30.18
N2 NAG L . 32.16 9.96 27.91
O3 NAG L . 31.60 7.23 28.72
O4 NAG L . 33.37 5.28 27.45
O5 NAG L . 33.03 7.96 24.98
O6 NAG L . 34.02 4.59 24.46
O7 NAG L . 29.99 10.26 28.30
C1 NAG M . 3.92 33.27 14.96
C2 NAG M . 3.29 34.53 15.53
C3 NAG M . 1.88 34.71 14.98
C4 NAG M . 1.93 34.69 13.47
C5 NAG M . 2.59 33.41 12.96
C6 NAG M . 2.69 33.39 11.44
C7 NAG M . 3.66 35.66 17.66
C8 NAG M . 3.58 35.61 19.16
N2 NAG M . 3.30 34.56 17.00
O3 NAG M . 1.34 35.92 15.45
O4 NAG M . 0.61 34.79 12.94
O5 NAG M . 3.89 33.26 13.54
O6 NAG M . 1.40 33.26 10.87
O7 NAG M . 4.03 36.68 17.10
C1 NAG N . 11.31 21.19 22.06
C2 NAG N . 10.12 21.63 22.92
C3 NAG N . 10.56 22.71 23.89
C4 NAG N . 11.76 22.25 24.70
C5 NAG N . 12.87 21.75 23.78
C6 NAG N . 14.04 21.11 24.53
C7 NAG N . 7.84 21.43 22.11
C8 NAG N . 6.63 22.24 21.74
N2 NAG N . 9.00 22.08 22.10
O3 NAG N . 9.48 23.03 24.73
O4 NAG N . 12.23 23.29 25.53
O5 NAG N . 12.39 20.76 22.87
O6 NAG N . 14.56 20.07 23.74
O7 NAG N . 7.73 20.23 22.39
C1 NAG O . 11.89 31.60 -0.52
C2 NAG O . 11.31 32.89 -1.07
C3 NAG O . 10.59 32.73 -2.40
C4 NAG O . 11.48 32.00 -3.38
C5 NAG O . 12.00 30.71 -2.72
C6 NAG O . 12.92 29.97 -3.73
C7 NAG O . 11.09 35.03 0.06
C8 NAG O . 10.32 35.98 0.88
N2 NAG O . 10.63 33.75 -0.08
O3 NAG O . 10.21 34.01 -2.90
O4 NAG O . 10.80 31.78 -4.63
O5 NAG O . 12.60 30.87 -1.49
O6 NAG O . 12.33 30.20 -5.04
O7 NAG O . 12.06 35.50 -0.52
C1 NAG P . -31.64 -3.16 -9.47
C2 NAG P . -31.52 -4.63 -9.86
C3 NAG P . -32.14 -5.51 -8.79
C4 NAG P . -31.56 -5.21 -7.42
C5 NAG P . -31.51 -3.72 -7.08
C6 NAG P . -30.55 -3.59 -5.89
C7 NAG P . -31.42 -5.54 -12.11
C8 NAG P . -32.18 -6.06 -13.28
N2 NAG P . -32.10 -4.87 -11.17
O3 NAG P . -31.87 -6.87 -9.05
O4 NAG P . -32.30 -5.92 -6.43
O5 NAG P . -31.05 -2.94 -8.18
O6 NAG P . -30.71 -2.40 -5.15
O7 NAG P . -30.21 -5.73 -12.04
C1 NAG Q . 7.16 7.86 -21.95
C2 NAG Q . 8.37 8.80 -21.90
C3 NAG Q . 9.21 8.73 -23.19
C4 NAG Q . 8.54 8.03 -24.40
C5 NAG Q . 7.61 6.87 -24.02
C6 NAG Q . 8.06 5.56 -24.68
C7 NAG Q . 8.61 10.91 -20.67
C8 NAG Q . 8.96 12.34 -21.03
N2 NAG Q . 8.00 10.17 -21.61
O3 NAG Q . 10.47 8.14 -22.90
O4 NAG Q . 7.84 9.00 -25.17
O5 NAG Q . 7.57 6.67 -22.63
O6 NAG Q . 7.29 4.52 -24.13
O7 NAG Q . 8.88 10.50 -19.55
C1 NAG R . -3.99 -1.01 -15.59
C2 NAG R . -2.64 -1.68 -15.37
C3 NAG R . -1.83 -1.55 -16.65
C4 NAG R . -2.63 -2.11 -17.84
C5 NAG R . -4.07 -1.60 -17.89
C6 NAG R . -4.94 -2.42 -18.83
C7 NAG R . -1.44 -1.99 -13.29
C8 NAG R . -0.76 -1.40 -12.08
N2 NAG R . -1.97 -1.15 -14.17
O3 NAG R . -0.61 -2.27 -16.54
O4 NAG R . -1.94 -1.79 -19.03
O5 NAG R . -4.68 -1.71 -16.62
O6 NAG R . -4.30 -2.71 -20.07
O7 NAG R . -1.48 -3.22 -13.44
#